data_6PPS
#
_entry.id   6PPS
#
_cell.length_a   110.187
_cell.length_b   56.892
_cell.length_c   116.054
_cell.angle_alpha   90.000
_cell.angle_beta   103.160
_cell.angle_gamma   90.000
#
_symmetry.space_group_name_H-M   'P 1 21 1'
#
loop_
_entity.id
_entity.type
_entity.pdbx_description
1 polymer 'Blue-light-activated histidine kinase'
2 non-polymer 'FLAVIN MONONUCLEOTIDE'
3 water water
#
_entity_poly.entity_id   1
_entity_poly.type   'polypeptide(L)'
_entity_poly.pdbx_seq_one_letter_code
;MAIDLRPFIPFGRGALSQATDPFRAAVEFTLMPMLITNPHLPDNPIVFANPAFLKLTGYEADEVMGRNCRFLQGHGTDPA
HVRAIKSAIAAEKPIDIDIINYKKSGEAFWNRLHISPVHNANGRLQHFVSSQLDVTLELSRLVELEKERKTLSIETARSK
DQLDYIVEVANIGFWTREFYSGKMTCSAECRRIYGFTPDEPVHFDTILDLVVLEDRMTVVQKAHQAVTGEPYSIEYRIVT
RLGETRWLETRAKALTGENPLVLGIVQDVTERKHHHHHH
;
_entity_poly.pdbx_strand_id   A,B,C,D
#
# COMPACT_ATOMS: atom_id res chain seq x y z
N ALA A 19 14.97 14.85 33.72
CA ALA A 19 14.48 15.45 32.48
C ALA A 19 13.55 14.51 31.73
N THR A 20 12.27 14.56 32.07
CA THR A 20 11.28 13.68 31.43
C THR A 20 10.49 14.43 30.37
N ASP A 21 10.22 13.75 29.26
CA ASP A 21 9.42 14.30 28.17
C ASP A 21 7.94 14.30 28.55
N PRO A 22 7.35 15.49 28.70
CA PRO A 22 5.95 15.64 29.13
C PRO A 22 4.94 15.06 28.13
N PHE A 23 5.32 14.99 26.86
CA PHE A 23 4.44 14.43 25.83
C PHE A 23 4.50 12.91 25.84
N ARG A 24 5.69 12.36 26.10
CA ARG A 24 5.85 10.94 26.30
C ARG A 24 5.06 10.49 27.53
N ALA A 25 5.10 11.29 28.58
CA ALA A 25 4.40 10.99 29.81
C ALA A 25 2.90 11.19 29.66
N ALA A 26 2.51 12.09 28.75
CA ALA A 26 1.10 12.34 28.48
C ALA A 26 0.46 11.13 27.81
N VAL A 27 1.14 10.60 26.79
CA VAL A 27 0.68 9.41 26.10
C VAL A 27 0.72 8.21 27.03
N GLU A 28 1.70 8.19 27.93
CA GLU A 28 1.88 7.11 28.88
C GLU A 28 0.74 7.03 29.89
N PHE A 29 0.31 8.18 30.40
CA PHE A 29 -0.61 8.21 31.53
C PHE A 29 -2.07 8.47 31.15
N THR A 30 -2.34 8.67 29.87
CA THR A 30 -3.71 8.95 29.42
C THR A 30 -4.60 7.71 29.51
N LEU A 31 -5.90 7.92 29.66
CA LEU A 31 -6.85 6.83 29.75
C LEU A 31 -7.23 6.30 28.37
N MET A 32 -6.89 7.07 27.34
CA MET A 32 -7.26 6.72 25.98
C MET A 32 -6.14 5.95 25.28
N PRO A 33 -6.45 4.78 24.74
CA PRO A 33 -5.51 3.93 24.00
C PRO A 33 -4.85 4.65 22.83
N MET A 34 -3.53 4.53 22.72
CA MET A 34 -2.78 5.14 21.62
C MET A 34 -1.78 4.17 21.01
N LEU A 35 -1.58 4.28 19.70
CA LEU A 35 -0.62 3.44 19.00
C LEU A 35 0.32 4.25 18.13
N ILE A 36 1.54 3.75 17.97
CA ILE A 36 2.51 4.34 17.04
C ILE A 36 3.14 3.24 16.18
N THR A 37 3.10 3.43 14.87
CA THR A 37 3.70 2.45 13.96
C THR A 37 4.81 3.06 13.13
N ASN A 38 5.74 2.22 12.69
CA ASN A 38 6.85 2.67 11.85
C ASN A 38 6.70 2.14 10.42
N PRO A 39 6.29 3.02 9.50
CA PRO A 39 5.97 2.65 8.12
C PRO A 39 7.19 2.26 7.28
N HIS A 40 8.38 2.54 7.80
CA HIS A 40 9.62 2.24 7.08
C HIS A 40 9.97 0.76 7.20
N LEU A 41 9.38 0.10 8.19
CA LEU A 41 9.51 -1.34 8.35
C LEU A 41 8.47 -2.04 7.50
N PRO A 42 8.70 -3.32 7.16
CA PRO A 42 7.71 -4.06 6.37
C PRO A 42 6.38 -4.24 7.13
N ASP A 43 5.27 -4.14 6.40
CA ASP A 43 3.93 -4.38 6.92
C ASP A 43 3.48 -3.33 7.95
N ASN A 44 4.30 -2.30 8.15
CA ASN A 44 3.98 -1.19 9.05
C ASN A 44 3.55 -1.67 10.45
N PRO A 45 4.51 -2.17 11.24
CA PRO A 45 4.21 -2.79 12.54
C PRO A 45 4.11 -1.79 13.69
N ILE A 46 3.51 -2.23 14.79
CA ILE A 46 3.42 -1.40 15.99
C ILE A 46 4.77 -1.36 16.69
N VAL A 47 5.19 -0.15 17.06
CA VAL A 47 6.46 0.01 17.78
C VAL A 47 6.23 0.63 19.15
N PHE A 48 4.98 0.93 19.47
CA PHE A 48 4.62 1.44 20.79
C PHE A 48 3.13 1.32 21.08
N ALA A 49 2.81 1.04 22.35
CA ALA A 49 1.42 0.97 22.81
C ALA A 49 1.33 1.38 24.27
N ASN A 50 0.56 2.44 24.54
CA ASN A 50 0.41 2.93 25.91
C ASN A 50 -0.35 1.91 26.78
N PRO A 51 -0.18 2.00 28.11
CA PRO A 51 -0.85 1.07 29.04
C PRO A 51 -2.35 0.94 28.81
N ALA A 52 -3.00 2.03 28.39
CA ALA A 52 -4.43 2.03 28.16
C ALA A 52 -4.82 1.05 27.06
N PHE A 53 -4.04 1.03 25.99
CA PHE A 53 -4.28 0.13 24.86
C PHE A 53 -4.15 -1.32 25.28
N LEU A 54 -3.11 -1.63 26.04
CA LEU A 54 -2.85 -2.99 26.49
C LEU A 54 -3.93 -3.49 27.44
N LYS A 55 -4.51 -2.56 28.19
CA LYS A 55 -5.56 -2.91 29.15
C LYS A 55 -6.88 -3.18 28.44
N LEU A 56 -7.19 -2.36 27.45
CA LEU A 56 -8.43 -2.51 26.68
C LEU A 56 -8.47 -3.85 25.96
N THR A 57 -7.43 -4.15 25.20
CA THR A 57 -7.38 -5.35 24.39
C THR A 57 -7.02 -6.59 25.19
N GLY A 58 -6.37 -6.37 26.34
CA GLY A 58 -5.99 -7.47 27.22
C GLY A 58 -4.71 -8.17 26.80
N TYR A 59 -4.00 -7.58 25.84
CA TYR A 59 -2.72 -8.11 25.39
C TYR A 59 -1.59 -7.55 26.22
N GLU A 60 -0.52 -8.33 26.38
CA GLU A 60 0.69 -7.85 27.02
C GLU A 60 1.49 -7.00 26.03
N ALA A 61 2.50 -6.32 26.52
CA ALA A 61 3.29 -5.43 25.68
C ALA A 61 4.05 -6.20 24.61
N ASP A 62 4.66 -7.31 24.99
CA ASP A 62 5.48 -8.09 24.07
C ASP A 62 4.63 -8.88 23.07
N GLU A 63 3.31 -8.83 23.25
CA GLU A 63 2.40 -9.57 22.39
C GLU A 63 1.81 -8.72 21.27
N VAL A 64 2.06 -7.42 21.31
CA VAL A 64 1.56 -6.51 20.29
C VAL A 64 2.68 -5.86 19.49
N MET A 65 3.88 -5.84 20.05
CA MET A 65 5.02 -5.22 19.39
C MET A 65 5.46 -6.03 18.16
N GLY A 66 5.67 -5.35 17.04
CA GLY A 66 6.21 -5.97 15.86
C GLY A 66 5.19 -6.47 14.86
N ARG A 67 3.92 -6.45 15.23
CA ARG A 67 2.86 -6.91 14.33
C ARG A 67 1.97 -5.77 13.86
N ASN A 68 1.40 -5.93 12.68
CA ASN A 68 0.46 -4.96 12.14
C ASN A 68 -0.82 -4.92 12.98
N CYS A 69 -1.52 -3.79 12.95
CA CYS A 69 -2.70 -3.60 13.79
C CYS A 69 -3.92 -4.38 13.30
N ARG A 70 -3.76 -5.12 12.20
CA ARG A 70 -4.88 -5.85 11.62
C ARG A 70 -5.22 -7.10 12.43
N PHE A 71 -4.40 -7.41 13.43
CA PHE A 71 -4.63 -8.61 14.25
C PHE A 71 -5.83 -8.42 15.17
N LEU A 72 -6.27 -7.17 15.34
CA LEU A 72 -7.43 -6.87 16.17
C LEU A 72 -8.73 -7.18 15.46
N GLN A 73 -8.65 -7.43 14.15
CA GLN A 73 -9.83 -7.66 13.33
C GLN A 73 -10.32 -9.10 13.42
N GLY A 74 -11.59 -9.31 13.08
CA GLY A 74 -12.19 -10.63 13.13
C GLY A 74 -13.35 -10.79 12.17
N HIS A 75 -14.28 -11.68 12.50
CA HIS A 75 -15.38 -12.03 11.61
C HIS A 75 -16.37 -10.88 11.40
N GLY A 76 -16.65 -10.14 12.47
CA GLY A 76 -17.61 -9.05 12.41
C GLY A 76 -17.04 -7.78 11.80
N THR A 77 -15.73 -7.79 11.57
CA THR A 77 -15.05 -6.64 10.96
C THR A 77 -15.54 -6.42 9.54
N ASP A 78 -16.17 -5.27 9.30
CA ASP A 78 -16.68 -4.93 7.99
C ASP A 78 -15.54 -4.78 6.99
N PRO A 79 -15.56 -5.58 5.91
CA PRO A 79 -14.55 -5.55 4.86
C PRO A 79 -14.41 -4.18 4.20
N ALA A 80 -15.52 -3.46 4.11
CA ALA A 80 -15.53 -2.13 3.53
C ALA A 80 -14.72 -1.13 4.37
N HIS A 81 -14.80 -1.30 5.69
CA HIS A 81 -14.06 -0.44 6.61
C HIS A 81 -12.56 -0.65 6.49
N VAL A 82 -12.15 -1.88 6.20
CA VAL A 82 -10.74 -2.22 6.06
C VAL A 82 -10.14 -1.60 4.80
N ARG A 83 -10.91 -1.58 3.72
CA ARG A 83 -10.45 -1.01 2.47
C ARG A 83 -10.23 0.50 2.58
N ALA A 84 -11.08 1.16 3.35
CA ALA A 84 -10.97 2.61 3.55
C ALA A 84 -9.67 2.96 4.26
N ILE A 85 -9.34 2.19 5.29
CA ILE A 85 -8.11 2.40 6.04
C ILE A 85 -6.89 2.14 5.16
N LYS A 86 -6.96 1.07 4.38
CA LYS A 86 -5.87 0.69 3.48
C LYS A 86 -5.57 1.80 2.47
N SER A 87 -6.62 2.34 1.85
CA SER A 87 -6.47 3.39 0.85
C SER A 87 -5.93 4.68 1.45
N ALA A 88 -6.30 4.95 2.70
CA ALA A 88 -5.83 6.15 3.39
C ALA A 88 -4.36 6.04 3.74
N ILE A 89 -3.96 4.88 4.26
CA ILE A 89 -2.58 4.64 4.65
C ILE A 89 -1.66 4.61 3.43
N ALA A 90 -2.13 3.98 2.35
CA ALA A 90 -1.36 3.93 1.11
C ALA A 90 -1.18 5.33 0.53
N ALA A 91 -2.18 6.19 0.75
CA ALA A 91 -2.13 7.55 0.26
C ALA A 91 -1.50 8.50 1.28
N GLU A 92 -1.10 7.94 2.42
CA GLU A 92 -0.45 8.70 3.50
C GLU A 92 -1.33 9.86 3.96
N LYS A 93 -2.62 9.59 4.13
CA LYS A 93 -3.58 10.61 4.54
C LYS A 93 -4.31 10.19 5.80
N PRO A 94 -4.71 11.17 6.62
CA PRO A 94 -5.42 10.90 7.88
C PRO A 94 -6.80 10.28 7.66
N ILE A 95 -7.34 9.65 8.70
CA ILE A 95 -8.64 8.99 8.59
C ILE A 95 -9.31 8.76 9.94
N ASP A 96 -10.61 9.08 10.00
CA ASP A 96 -11.43 8.75 11.16
C ASP A 96 -12.49 7.73 10.76
N ILE A 97 -12.54 6.61 11.46
CA ILE A 97 -13.47 5.55 11.13
C ILE A 97 -13.82 4.68 12.34
N ASP A 98 -15.03 4.14 12.33
CA ASP A 98 -15.46 3.23 13.39
C ASP A 98 -15.47 1.80 12.87
N ILE A 99 -14.63 0.96 13.45
CA ILE A 99 -14.48 -0.42 12.99
C ILE A 99 -14.69 -1.38 14.15
N ILE A 100 -15.03 -2.63 13.81
CA ILE A 100 -15.22 -3.66 14.83
C ILE A 100 -13.93 -4.44 15.06
N ASN A 101 -13.40 -4.33 16.27
CA ASN A 101 -12.21 -5.08 16.65
C ASN A 101 -12.48 -6.10 17.73
N TYR A 102 -11.45 -6.84 18.11
CA TYR A 102 -11.62 -7.95 19.06
C TYR A 102 -10.52 -7.98 20.11
N LYS A 103 -10.92 -8.18 21.37
CA LYS A 103 -9.97 -8.33 22.47
C LYS A 103 -9.34 -9.72 22.43
N LYS A 104 -8.33 -9.94 23.27
CA LYS A 104 -7.63 -11.21 23.31
C LYS A 104 -8.58 -12.34 23.73
N SER A 105 -9.50 -12.03 24.63
CA SER A 105 -10.48 -13.00 25.11
C SER A 105 -11.42 -13.44 24.00
N GLY A 106 -11.72 -12.51 23.09
CA GLY A 106 -12.62 -12.78 21.98
C GLY A 106 -13.76 -11.79 21.92
N GLU A 107 -13.91 -11.01 22.99
CA GLU A 107 -14.98 -10.03 23.08
C GLU A 107 -14.86 -8.93 22.03
N ALA A 108 -15.87 -8.82 21.19
CA ALA A 108 -15.92 -7.78 20.17
C ALA A 108 -16.21 -6.42 20.80
N PHE A 109 -15.66 -5.37 20.21
CA PHE A 109 -15.90 -4.02 20.68
C PHE A 109 -15.80 -3.02 19.53
N TRP A 110 -16.52 -1.90 19.65
CA TRP A 110 -16.46 -0.86 18.63
C TRP A 110 -15.28 0.07 18.86
N ASN A 111 -14.34 0.05 17.94
CA ASN A 111 -13.13 0.84 18.05
C ASN A 111 -13.18 2.10 17.19
N ARG A 112 -13.36 3.24 17.83
CA ARG A 112 -13.34 4.51 17.13
C ARG A 112 -11.91 4.88 16.78
N LEU A 113 -11.56 4.72 15.51
CA LEU A 113 -10.18 4.90 15.06
C LEU A 113 -9.90 6.32 14.56
N HIS A 114 -8.87 6.93 15.11
CA HIS A 114 -8.37 8.20 14.59
C HIS A 114 -6.90 8.04 14.22
N ILE A 115 -6.62 7.94 12.93
CA ILE A 115 -5.26 7.74 12.47
C ILE A 115 -4.71 8.98 11.78
N SER A 116 -3.47 9.34 12.12
CA SER A 116 -2.80 10.50 11.53
C SER A 116 -1.38 10.16 11.10
N PRO A 117 -1.02 10.53 9.87
CA PRO A 117 0.36 10.34 9.38
C PRO A 117 1.29 11.42 9.93
N VAL A 118 2.55 11.06 10.16
CA VAL A 118 3.53 12.01 10.66
C VAL A 118 4.68 12.17 9.68
N HIS A 119 4.75 13.35 9.06
CA HIS A 119 5.81 13.64 8.09
C HIS A 119 6.94 14.43 8.73
N ASN A 120 8.13 14.32 8.16
CA ASN A 120 9.29 15.03 8.66
C ASN A 120 9.34 16.47 8.14
N ALA A 121 10.53 17.07 8.17
CA ALA A 121 10.69 18.45 7.71
C ALA A 121 10.65 18.53 6.19
N ASN A 122 11.29 17.57 5.52
CA ASN A 122 11.34 17.55 4.06
C ASN A 122 9.98 17.29 3.44
N GLY A 123 9.19 16.43 4.07
CA GLY A 123 7.87 16.09 3.58
C GLY A 123 7.69 14.58 3.45
N ARG A 124 8.71 13.83 3.85
CA ARG A 124 8.67 12.37 3.79
C ARG A 124 7.95 11.79 5.00
N LEU A 125 7.25 10.69 4.78
CA LEU A 125 6.50 10.02 5.85
C LEU A 125 7.46 9.42 6.89
N GLN A 126 7.20 9.73 8.17
CA GLN A 126 8.07 9.27 9.25
C GLN A 126 7.37 8.27 10.16
N HIS A 127 6.13 8.57 10.55
CA HIS A 127 5.39 7.71 11.46
C HIS A 127 3.88 7.73 11.21
N PHE A 128 3.20 6.77 11.82
CA PHE A 128 1.74 6.81 11.93
C PHE A 128 1.36 6.76 13.40
N VAL A 129 0.46 7.64 13.80
CA VAL A 129 -0.03 7.65 15.17
C VAL A 129 -1.55 7.55 15.20
N SER A 130 -2.10 6.91 16.24
CA SER A 130 -3.54 6.69 16.30
C SER A 130 -4.09 6.80 17.71
N SER A 131 -5.33 7.28 17.80
CA SER A 131 -6.03 7.39 19.06
C SER A 131 -7.26 6.49 19.08
N GLN A 132 -7.11 5.31 19.70
CA GLN A 132 -8.21 4.36 19.79
C GLN A 132 -9.16 4.72 20.92
N LEU A 133 -10.45 4.55 20.69
CA LEU A 133 -11.47 4.85 21.70
C LEU A 133 -12.59 3.82 21.65
N ASP A 134 -12.87 3.21 22.80
CA ASP A 134 -13.89 2.16 22.88
C ASP A 134 -15.29 2.75 22.95
N VAL A 135 -15.96 2.82 21.81
CA VAL A 135 -17.29 3.42 21.72
C VAL A 135 -18.38 2.35 21.59
N THR A 136 -18.17 1.21 22.23
CA THR A 136 -19.14 0.11 22.19
C THR A 136 -20.47 0.52 22.80
N LEU A 137 -20.41 1.28 23.89
CA LEU A 137 -21.62 1.68 24.61
C LEU A 137 -22.42 2.75 23.89
N GLU A 138 -21.85 3.30 22.82
CA GLU A 138 -22.55 4.30 22.02
C GLU A 138 -23.17 3.71 20.76
N LEU A 139 -22.37 2.96 20.01
CA LEU A 139 -22.83 2.43 18.73
C LEU A 139 -23.57 1.10 18.85
N SER A 140 -23.50 0.47 20.02
CA SER A 140 -24.12 -0.84 20.20
C SER A 140 -25.15 -0.85 21.33
N ARG A 141 -24.89 -0.09 22.38
CA ARG A 141 -25.79 -0.07 23.53
C ARG A 141 -26.87 0.99 23.42
N LEU A 142 -26.46 2.23 23.13
CA LEU A 142 -27.41 3.33 23.03
C LEU A 142 -28.34 3.15 21.83
N VAL A 143 -27.80 2.62 20.74
CA VAL A 143 -28.55 2.43 19.50
C VAL A 143 -29.72 1.49 19.70
N GLU A 144 -29.52 0.42 20.47
CA GLU A 144 -30.59 -0.55 20.71
C GLU A 144 -31.57 -0.02 21.75
N LEU A 145 -31.11 0.85 22.64
CA LEU A 145 -31.97 1.43 23.66
C LEU A 145 -32.89 2.48 23.04
N GLU A 146 -32.54 2.94 21.85
CA GLU A 146 -33.36 3.90 21.12
C GLU A 146 -34.45 3.16 20.34
N LYS A 147 -34.12 1.97 19.86
CA LYS A 147 -35.09 1.15 19.13
C LYS A 147 -35.97 0.35 20.10
N GLU A 148 -35.47 0.15 21.32
CA GLU A 148 -36.23 -0.52 22.36
C GLU A 148 -37.29 0.41 22.94
N ARG A 149 -36.88 1.66 23.17
CA ARG A 149 -37.78 2.69 23.66
C ARG A 149 -38.88 2.99 22.63
N LYS A 150 -38.49 3.04 21.36
CA LYS A 150 -39.42 3.30 20.27
C LYS A 150 -40.45 2.18 20.15
N THR A 151 -40.02 0.96 20.47
CA THR A 151 -40.91 -0.20 20.44
C THR A 151 -41.98 -0.07 21.53
N LEU A 152 -41.56 0.32 22.72
CA LEU A 152 -42.46 0.49 23.86
C LEU A 152 -43.50 1.57 23.59
N SER A 153 -43.11 2.60 22.84
CA SER A 153 -44.02 3.69 22.49
C SER A 153 -45.18 3.19 21.63
N ILE A 154 -44.88 2.32 20.70
CA ILE A 154 -45.92 1.80 19.86
C ILE A 154 -46.88 1.00 20.72
N GLU A 155 -46.34 0.03 21.44
CA GLU A 155 -47.16 -0.83 22.28
C GLU A 155 -48.00 -0.03 23.27
N THR A 156 -47.40 0.99 23.87
CA THR A 156 -48.10 1.85 24.82
C THR A 156 -49.24 2.59 24.13
N ALA A 157 -48.97 3.11 22.94
CA ALA A 157 -49.97 3.84 22.19
C ALA A 157 -51.09 2.92 21.70
N ARG A 158 -50.73 1.69 21.42
CA ARG A 158 -51.72 0.77 20.95
C ARG A 158 -52.63 0.35 22.08
N SER A 159 -52.05 -0.19 23.14
CA SER A 159 -52.82 -0.69 24.28
C SER A 159 -53.77 0.37 24.82
N LYS A 160 -53.42 1.63 24.62
CA LYS A 160 -54.28 2.74 25.01
C LYS A 160 -55.38 2.95 23.97
N ASP A 161 -55.03 2.75 22.70
CA ASP A 161 -55.99 2.88 21.61
C ASP A 161 -57.10 1.84 21.70
N GLN A 162 -56.78 0.69 22.28
CA GLN A 162 -57.78 -0.35 22.49
C GLN A 162 -58.72 0.05 23.63
N LEU A 163 -58.14 0.59 24.70
CA LEU A 163 -58.90 1.05 25.84
C LEU A 163 -59.86 2.16 25.45
N ASP A 164 -59.33 3.18 24.80
CA ASP A 164 -60.11 4.34 24.40
C ASP A 164 -61.21 4.02 23.40
N TYR A 165 -60.97 3.00 22.58
CA TYR A 165 -61.97 2.62 21.57
C TYR A 165 -63.14 1.87 22.20
N ILE A 166 -62.85 1.03 23.19
CA ILE A 166 -63.90 0.24 23.83
C ILE A 166 -64.88 1.12 24.58
N VAL A 167 -64.37 1.99 25.44
CA VAL A 167 -65.21 2.86 26.27
C VAL A 167 -66.05 3.82 25.45
N GLU A 168 -65.67 4.03 24.19
CA GLU A 168 -66.38 4.96 23.31
C GLU A 168 -67.60 4.30 22.67
N VAL A 169 -67.41 3.13 22.07
CA VAL A 169 -68.48 2.47 21.34
C VAL A 169 -69.35 1.59 22.24
N ALA A 170 -68.88 1.32 23.44
CA ALA A 170 -69.66 0.56 24.42
C ALA A 170 -70.31 1.49 25.43
N ASN A 171 -69.96 2.78 25.34
CA ASN A 171 -70.51 3.81 26.22
C ASN A 171 -70.39 3.47 27.70
N ILE A 172 -69.18 3.52 28.20
CA ILE A 172 -68.92 3.20 29.61
C ILE A 172 -68.39 4.41 30.37
N GLY A 173 -69.02 4.70 31.50
CA GLY A 173 -68.53 5.76 32.37
C GLY A 173 -67.29 5.30 33.11
N PHE A 174 -66.16 5.38 32.42
CA PHE A 174 -64.89 4.92 32.98
C PHE A 174 -64.01 6.08 33.41
N TRP A 175 -63.47 5.99 34.63
CA TRP A 175 -62.55 7.00 35.13
C TRP A 175 -61.36 6.39 35.84
N THR A 176 -60.25 7.12 35.85
CA THR A 176 -59.09 6.75 36.63
C THR A 176 -58.79 7.85 37.63
N ARG A 177 -58.12 7.51 38.72
CA ARG A 177 -57.77 8.51 39.73
C ARG A 177 -56.45 8.19 40.40
N GLU A 178 -55.56 9.17 40.47
CA GLU A 178 -54.30 9.02 41.20
C GLU A 178 -54.57 9.12 42.69
N PHE A 179 -54.15 8.10 43.43
CA PHE A 179 -54.49 7.99 44.85
C PHE A 179 -53.99 9.15 45.70
N TYR A 180 -52.92 9.82 45.26
CA TYR A 180 -52.33 10.91 46.03
C TYR A 180 -52.69 12.29 45.47
N SER A 181 -52.40 12.50 44.19
CA SER A 181 -52.63 13.80 43.57
C SER A 181 -54.12 14.06 43.34
N GLY A 182 -54.86 13.00 43.04
CA GLY A 182 -56.29 13.11 42.81
C GLY A 182 -56.65 13.49 41.38
N LYS A 183 -55.64 13.54 40.52
CA LYS A 183 -55.86 13.83 39.10
C LYS A 183 -56.68 12.72 38.44
N MET A 184 -57.57 13.09 37.54
CA MET A 184 -58.46 12.10 36.93
C MET A 184 -58.55 12.21 35.42
N THR A 185 -58.96 11.10 34.79
CA THR A 185 -59.36 11.09 33.39
C THR A 185 -60.78 10.57 33.30
N CYS A 186 -61.57 11.10 32.38
CA CYS A 186 -62.96 10.69 32.26
C CYS A 186 -63.36 10.44 30.80
N SER A 187 -64.14 9.38 30.60
CA SER A 187 -64.64 9.05 29.27
C SER A 187 -65.79 9.99 28.88
N ALA A 188 -66.32 9.81 27.68
CA ALA A 188 -67.43 10.63 27.22
C ALA A 188 -68.67 10.38 28.07
N GLU A 189 -68.92 9.11 28.37
CA GLU A 189 -70.09 8.72 29.16
C GLU A 189 -69.99 9.21 30.60
N CYS A 190 -68.78 9.15 31.15
CA CYS A 190 -68.54 9.59 32.53
C CYS A 190 -68.77 11.08 32.69
N ARG A 191 -68.40 11.84 31.66
CA ARG A 191 -68.54 13.30 31.69
C ARG A 191 -69.99 13.72 31.52
N ARG A 192 -70.81 12.83 30.96
CA ARG A 192 -72.23 13.11 30.76
C ARG A 192 -73.02 12.79 32.02
N ILE A 193 -72.58 11.78 32.75
CA ILE A 193 -73.21 11.39 34.01
C ILE A 193 -73.10 12.53 35.02
N TYR A 194 -71.92 13.12 35.12
CA TYR A 194 -71.74 14.36 35.86
C TYR A 194 -72.06 15.52 34.93
N GLY A 195 -71.91 16.75 35.41
CA GLY A 195 -72.19 17.91 34.60
C GLY A 195 -70.96 18.47 33.92
N PHE A 196 -70.09 17.57 33.45
CA PHE A 196 -68.80 17.97 32.91
C PHE A 196 -68.84 18.19 31.40
N THR A 197 -67.96 19.06 30.91
CA THR A 197 -67.78 19.27 29.48
C THR A 197 -66.70 18.31 28.98
N PRO A 198 -66.80 17.86 27.72
CA PRO A 198 -65.90 16.86 27.15
C PRO A 198 -64.41 17.20 27.21
N ASP A 199 -64.06 18.47 27.44
CA ASP A 199 -62.67 18.88 27.33
C ASP A 199 -62.03 19.39 28.63
N GLU A 200 -62.86 19.85 29.56
CA GLU A 200 -62.34 20.43 30.80
C GLU A 200 -61.57 19.42 31.63
N PRO A 201 -60.50 19.88 32.31
CA PRO A 201 -59.73 19.01 33.19
C PRO A 201 -60.54 18.56 34.40
N VAL A 202 -60.35 17.32 34.82
CA VAL A 202 -61.14 16.77 35.91
C VAL A 202 -60.27 16.28 37.07
N HIS A 203 -60.48 16.87 38.24
CA HIS A 203 -59.82 16.44 39.47
C HIS A 203 -60.86 15.77 40.36
N PHE A 204 -60.42 15.16 41.44
CA PHE A 204 -61.35 14.55 42.39
C PHE A 204 -62.22 15.62 43.04
N ASP A 205 -61.73 16.86 43.03
CA ASP A 205 -62.44 17.98 43.64
C ASP A 205 -63.59 18.49 42.79
N THR A 206 -63.51 18.30 41.48
CA THR A 206 -64.57 18.76 40.60
C THR A 206 -65.76 17.80 40.64
N ILE A 207 -65.51 16.58 41.07
CA ILE A 207 -66.58 15.62 41.31
C ILE A 207 -67.15 15.85 42.70
N LEU A 208 -66.25 16.07 43.66
CA LEU A 208 -66.62 16.32 45.04
C LEU A 208 -67.51 17.55 45.19
N ASP A 209 -67.36 18.50 44.26
CA ASP A 209 -68.15 19.72 44.27
C ASP A 209 -69.61 19.46 43.89
N LEU A 210 -69.85 18.33 43.24
CA LEU A 210 -71.20 17.98 42.80
C LEU A 210 -71.91 17.06 43.80
N VAL A 211 -71.14 16.40 44.66
CA VAL A 211 -71.68 15.49 45.64
C VAL A 211 -72.59 16.21 46.63
N VAL A 212 -73.71 15.59 46.98
CA VAL A 212 -74.61 16.14 47.99
C VAL A 212 -73.89 16.21 49.33
N LEU A 213 -74.29 17.18 50.16
CA LEU A 213 -73.60 17.48 51.40
C LEU A 213 -73.49 16.29 52.35
N GLU A 214 -74.51 15.45 52.38
CA GLU A 214 -74.56 14.36 53.34
C GLU A 214 -73.69 13.17 52.94
N ASP A 215 -73.40 13.05 51.65
CA ASP A 215 -72.62 11.92 51.15
C ASP A 215 -71.12 12.24 51.03
N ARG A 216 -70.76 13.51 51.15
CA ARG A 216 -69.39 13.94 50.94
C ARG A 216 -68.37 13.27 51.85
N MET A 217 -68.67 13.20 53.14
CA MET A 217 -67.73 12.64 54.09
C MET A 217 -67.49 11.15 53.82
N THR A 218 -68.53 10.44 53.42
CA THR A 218 -68.40 9.02 53.10
C THR A 218 -67.54 8.83 51.85
N VAL A 219 -67.70 9.73 50.88
CA VAL A 219 -66.99 9.62 49.60
C VAL A 219 -65.49 9.83 49.75
N VAL A 220 -65.07 10.92 50.40
CA VAL A 220 -63.66 11.25 50.47
C VAL A 220 -62.89 10.32 51.41
N GLN A 221 -63.60 9.69 52.35
CA GLN A 221 -62.97 8.77 53.27
C GLN A 221 -62.68 7.45 52.58
N LYS A 222 -63.60 7.04 51.71
CA LYS A 222 -63.41 5.83 50.92
C LYS A 222 -62.36 6.08 49.84
N ALA A 223 -62.33 7.30 49.32
CA ALA A 223 -61.39 7.65 48.26
C ALA A 223 -59.96 7.71 48.78
N HIS A 224 -59.79 8.22 49.99
CA HIS A 224 -58.46 8.36 50.59
C HIS A 224 -58.12 7.22 51.53
N GLN A 225 -58.95 6.18 51.53
CA GLN A 225 -58.69 5.00 52.36
C GLN A 225 -57.50 4.22 51.81
N ALA A 226 -56.76 3.57 52.71
CA ALA A 226 -55.57 2.80 52.35
C ALA A 226 -55.86 1.82 51.20
N VAL A 227 -55.03 1.88 50.17
CA VAL A 227 -55.27 1.12 48.94
C VAL A 227 -55.23 -0.38 49.15
N THR A 228 -56.20 -1.07 48.56
CA THR A 228 -56.24 -2.52 48.54
C THR A 228 -56.59 -2.98 47.13
N GLY A 229 -55.99 -4.09 46.70
CA GLY A 229 -56.18 -4.60 45.35
C GLY A 229 -57.54 -5.23 45.13
N GLU A 230 -58.41 -5.13 46.13
CA GLU A 230 -59.75 -5.70 46.06
C GLU A 230 -60.74 -4.71 45.47
N PRO A 231 -61.67 -5.22 44.64
CA PRO A 231 -62.73 -4.38 44.07
C PRO A 231 -63.74 -3.98 45.13
N TYR A 232 -64.26 -2.76 45.05
CA TYR A 232 -65.24 -2.29 46.01
C TYR A 232 -66.31 -1.44 45.34
N SER A 233 -67.51 -1.46 45.92
CA SER A 233 -68.63 -0.67 45.39
C SER A 233 -68.95 0.48 46.31
N ILE A 234 -69.36 1.61 45.72
CA ILE A 234 -69.76 2.77 46.49
C ILE A 234 -70.85 3.54 45.73
N GLU A 235 -71.85 4.00 46.47
CA GLU A 235 -72.98 4.69 45.86
C GLU A 235 -73.28 6.00 46.57
N TYR A 236 -73.37 7.07 45.80
CA TYR A 236 -73.64 8.40 46.35
C TYR A 236 -74.48 9.26 45.42
N ARG A 237 -75.06 10.32 45.97
CA ARG A 237 -75.91 11.22 45.21
C ARG A 237 -75.14 12.46 44.78
N ILE A 238 -75.50 13.01 43.62
CA ILE A 238 -74.91 14.25 43.15
C ILE A 238 -75.98 15.24 42.69
N VAL A 239 -75.68 16.52 42.84
CA VAL A 239 -76.51 17.56 42.27
C VAL A 239 -75.73 18.24 41.15
N THR A 240 -76.11 17.96 39.91
CA THR A 240 -75.37 18.43 38.75
C THR A 240 -75.41 19.95 38.66
N ARG A 241 -74.60 20.51 37.75
CA ARG A 241 -74.47 21.96 37.64
C ARG A 241 -75.72 22.63 37.07
N LEU A 242 -76.69 21.83 36.63
CA LEU A 242 -77.96 22.37 36.16
C LEU A 242 -79.06 22.24 37.21
N GLY A 243 -78.76 21.52 38.29
CA GLY A 243 -79.69 21.40 39.40
C GLY A 243 -80.37 20.05 39.50
N GLU A 244 -79.99 19.12 38.62
CA GLU A 244 -80.61 17.80 38.62
C GLU A 244 -79.94 16.84 39.60
N THR A 245 -80.74 16.27 40.50
CA THR A 245 -80.24 15.29 41.45
C THR A 245 -80.13 13.92 40.78
N ARG A 246 -78.95 13.31 40.87
CA ARG A 246 -78.71 12.01 40.25
C ARG A 246 -78.12 11.02 41.25
N TRP A 247 -78.56 9.76 41.15
CA TRP A 247 -78.05 8.68 41.98
C TRP A 247 -77.02 7.88 41.20
N LEU A 248 -75.82 7.72 41.78
CA LEU A 248 -74.74 7.04 41.07
C LEU A 248 -74.26 5.78 41.80
N GLU A 249 -73.87 4.78 41.02
CA GLU A 249 -73.22 3.58 41.55
C GLU A 249 -71.87 3.41 40.89
N THR A 250 -70.86 3.07 41.67
CA THR A 250 -69.51 2.93 41.15
C THR A 250 -68.82 1.66 41.64
N ARG A 251 -68.28 0.88 40.70
CA ARG A 251 -67.48 -0.29 41.02
C ARG A 251 -66.02 0.01 40.74
N ALA A 252 -65.21 0.09 41.79
CA ALA A 252 -63.83 0.57 41.66
C ALA A 252 -62.79 -0.45 42.12
N LYS A 253 -61.56 -0.24 41.65
CA LYS A 253 -60.42 -1.08 42.02
C LYS A 253 -59.12 -0.29 41.93
N ALA A 254 -58.23 -0.50 42.88
CA ALA A 254 -56.95 0.21 42.91
C ALA A 254 -55.82 -0.62 42.32
N LEU A 255 -54.97 0.02 41.54
CA LEU A 255 -53.79 -0.64 40.98
C LEU A 255 -52.59 -0.47 41.92
N THR A 256 -52.17 -1.57 42.52
CA THR A 256 -51.10 -1.56 43.52
C THR A 256 -49.78 -1.04 42.95
N GLY A 257 -49.11 -0.20 43.73
CA GLY A 257 -47.82 0.34 43.35
C GLY A 257 -47.32 1.29 44.42
N GLU A 258 -46.33 2.11 44.08
CA GLU A 258 -45.83 3.11 45.02
C GLU A 258 -46.77 4.33 44.99
N ASN A 259 -47.29 4.62 43.82
CA ASN A 259 -48.31 5.67 43.66
C ASN A 259 -49.49 5.11 42.86
N PRO A 260 -50.41 4.43 43.55
CA PRO A 260 -51.53 3.68 42.97
C PRO A 260 -52.42 4.49 42.03
N LEU A 261 -53.00 3.81 41.05
CA LEU A 261 -54.00 4.40 40.17
C LEU A 261 -55.34 3.71 40.36
N VAL A 262 -56.34 4.46 40.80
CA VAL A 262 -57.66 3.89 41.07
C VAL A 262 -58.50 3.84 39.81
N LEU A 263 -58.99 2.65 39.48
CA LEU A 263 -59.89 2.47 38.34
C LEU A 263 -61.33 2.43 38.82
N GLY A 264 -62.25 2.94 38.01
CA GLY A 264 -63.64 2.99 38.41
C GLY A 264 -64.64 3.15 37.26
N ILE A 265 -65.73 2.39 37.34
CA ILE A 265 -66.80 2.49 36.37
C ILE A 265 -68.09 2.98 37.04
N VAL A 266 -68.52 4.18 36.69
CA VAL A 266 -69.70 4.78 37.29
C VAL A 266 -70.89 4.71 36.33
N GLN A 267 -72.09 4.50 36.86
CA GLN A 267 -73.31 4.48 36.05
C GLN A 267 -74.46 5.16 36.77
N ASP A 268 -75.30 5.85 36.00
CA ASP A 268 -76.46 6.55 36.55
C ASP A 268 -77.61 5.59 36.79
N VAL A 269 -78.04 5.51 38.04
CA VAL A 269 -79.11 4.61 38.36
C VAL A 269 -80.25 5.36 38.99
N THR A 270 -80.47 6.57 38.51
CA THR A 270 -81.52 7.40 38.99
C THR A 270 -82.86 6.77 38.69
N GLU A 271 -83.04 6.16 37.53
CA GLU A 271 -84.33 5.56 37.28
C GLU A 271 -84.62 4.43 38.24
N ARG A 272 -85.81 4.51 38.82
CA ARG A 272 -86.29 3.58 39.84
C ARG A 272 -85.47 3.39 41.11
N LYS A 273 -85.08 4.49 41.76
CA LYS A 273 -84.35 4.37 43.01
C LYS A 273 -85.19 3.57 44.00
N SER B 17 16.75 18.60 14.51
CA SER B 17 15.30 18.62 14.56
C SER B 17 14.70 18.22 13.22
N GLN B 18 15.42 17.36 12.50
CA GLN B 18 14.97 16.89 11.19
C GLN B 18 13.74 16.00 11.30
N ALA B 19 13.78 15.06 12.23
CA ALA B 19 12.69 14.11 12.44
C ALA B 19 11.75 14.59 13.54
N THR B 20 10.46 14.44 13.30
CA THR B 20 9.44 14.87 14.25
C THR B 20 9.26 13.87 15.37
N ASP B 21 8.88 14.35 16.55
CA ASP B 21 8.60 13.49 17.69
C ASP B 21 7.18 12.95 17.60
N PRO B 22 7.05 11.63 17.41
CA PRO B 22 5.74 10.99 17.24
C PRO B 22 4.80 11.18 18.43
N PHE B 23 5.36 11.23 19.64
CA PHE B 23 4.54 11.45 20.84
C PHE B 23 3.98 12.86 20.84
N ARG B 24 4.81 13.81 20.45
CA ARG B 24 4.39 15.21 20.30
C ARG B 24 3.27 15.32 19.27
N ALA B 25 3.40 14.59 18.17
CA ALA B 25 2.42 14.60 17.10
C ALA B 25 1.12 13.92 17.51
N ALA B 26 1.25 12.85 18.29
CA ALA B 26 0.08 12.10 18.76
C ALA B 26 -0.83 12.98 19.60
N VAL B 27 -0.23 13.74 20.50
CA VAL B 27 -0.97 14.66 21.37
C VAL B 27 -1.54 15.80 20.54
N GLU B 28 -0.82 16.16 19.48
CA GLU B 28 -1.22 17.26 18.60
C GLU B 28 -2.46 16.90 17.77
N PHE B 29 -2.54 15.65 17.32
CA PHE B 29 -3.57 15.25 16.37
C PHE B 29 -4.79 14.61 17.01
N THR B 30 -4.67 14.22 18.28
CA THR B 30 -5.77 13.53 18.96
C THR B 30 -6.98 14.45 19.16
N LEU B 31 -8.16 13.85 19.22
CA LEU B 31 -9.39 14.61 19.44
C LEU B 31 -9.66 14.79 20.94
N MET B 32 -8.88 14.12 21.76
CA MET B 32 -8.99 14.23 23.21
C MET B 32 -8.22 15.45 23.72
N PRO B 33 -8.93 16.41 24.32
CA PRO B 33 -8.31 17.59 24.93
C PRO B 33 -7.26 17.21 25.98
N MET B 34 -6.07 17.76 25.86
CA MET B 34 -5.00 17.46 26.80
C MET B 34 -4.26 18.72 27.25
N LEU B 35 -3.93 18.78 28.53
CA LEU B 35 -3.20 19.91 29.09
C LEU B 35 -1.90 19.46 29.74
N ILE B 36 -0.90 20.33 29.69
CA ILE B 36 0.34 20.13 30.43
C ILE B 36 0.63 21.38 31.26
N THR B 37 0.97 21.19 32.53
CA THR B 37 1.28 22.32 33.40
C THR B 37 2.67 22.20 34.01
N ASN B 38 3.26 23.33 34.34
CA ASN B 38 4.58 23.38 34.98
C ASN B 38 4.46 23.82 36.43
N PRO B 39 4.53 22.85 37.36
CA PRO B 39 4.38 23.12 38.79
C PRO B 39 5.55 23.88 39.39
N HIS B 40 6.62 24.06 38.61
CA HIS B 40 7.79 24.81 39.07
C HIS B 40 7.56 26.31 38.93
N LEU B 41 6.58 26.68 38.11
CA LEU B 41 6.16 28.05 37.98
C LEU B 41 5.08 28.35 39.01
N PRO B 42 4.90 29.63 39.38
CA PRO B 42 3.91 29.97 40.41
C PRO B 42 2.48 29.59 40.03
N ASP B 43 1.75 29.03 40.99
CA ASP B 43 0.34 28.68 40.84
C ASP B 43 0.08 27.63 39.76
N ASN B 44 1.15 26.92 39.36
CA ASN B 44 1.03 25.79 38.43
C ASN B 44 0.25 26.11 37.16
N PRO B 45 0.81 26.95 36.29
CA PRO B 45 0.10 27.41 35.09
C PRO B 45 0.15 26.43 33.92
N ILE B 46 -0.74 26.63 32.95
CA ILE B 46 -0.76 25.81 31.74
C ILE B 46 0.38 26.23 30.80
N VAL B 47 1.09 25.24 30.27
CA VAL B 47 2.19 25.52 29.35
C VAL B 47 1.93 24.93 27.97
N PHE B 48 0.90 24.10 27.87
CA PHE B 48 0.51 23.54 26.57
C PHE B 48 -0.96 23.12 26.54
N ALA B 49 -1.56 23.26 25.36
CA ALA B 49 -2.93 22.83 25.11
C ALA B 49 -3.09 22.41 23.66
N ASN B 50 -3.42 21.14 23.43
CA ASN B 50 -3.61 20.64 22.07
C ASN B 50 -4.82 21.29 21.41
N PRO B 51 -4.85 21.32 20.05
CA PRO B 51 -5.96 21.91 19.30
C PRO B 51 -7.33 21.40 19.72
N ALA B 52 -7.38 20.16 20.23
CA ALA B 52 -8.63 19.58 20.72
C ALA B 52 -9.20 20.39 21.88
N PHE B 53 -8.33 20.75 22.82
CA PHE B 53 -8.74 21.50 24.00
C PHE B 53 -9.23 22.90 23.64
N LEU B 54 -8.58 23.52 22.66
CA LEU B 54 -8.92 24.88 22.27
C LEU B 54 -10.27 24.96 21.58
N LYS B 55 -10.69 23.87 20.94
CA LYS B 55 -11.97 23.84 20.27
C LYS B 55 -13.11 23.59 21.25
N LEU B 56 -12.83 22.78 22.27
CA LEU B 56 -13.82 22.46 23.28
C LEU B 56 -14.20 23.68 24.12
N THR B 57 -13.18 24.40 24.58
CA THR B 57 -13.40 25.57 25.44
C THR B 57 -13.70 26.83 24.61
N GLY B 58 -13.25 26.84 23.36
CA GLY B 58 -13.48 27.96 22.48
C GLY B 58 -12.52 29.12 22.72
N TYR B 59 -11.45 28.85 23.46
CA TYR B 59 -10.41 29.85 23.68
C TYR B 59 -9.31 29.73 22.65
N GLU B 60 -8.64 30.85 22.36
CA GLU B 60 -7.46 30.82 21.52
C GLU B 60 -6.27 30.28 22.32
N ALA B 61 -5.17 30.01 21.63
CA ALA B 61 -3.98 29.45 22.28
C ALA B 61 -3.39 30.41 23.30
N ASP B 62 -3.31 31.69 22.93
CA ASP B 62 -2.70 32.70 23.79
C ASP B 62 -3.64 33.14 24.92
N GLU B 63 -4.86 32.63 24.91
CA GLU B 63 -5.84 32.97 25.93
C GLU B 63 -5.90 31.91 27.02
N VAL B 64 -5.07 30.88 26.90
CA VAL B 64 -5.06 29.77 27.85
C VAL B 64 -3.71 29.66 28.55
N MET B 65 -2.64 29.93 27.82
CA MET B 65 -1.28 29.83 28.37
C MET B 65 -1.07 30.76 29.55
N GLY B 66 -0.32 30.31 30.54
CA GLY B 66 0.03 31.13 31.68
C GLY B 66 -1.07 31.23 32.73
N ARG B 67 -2.18 30.54 32.49
CA ARG B 67 -3.28 30.55 33.43
C ARG B 67 -3.37 29.22 34.17
N ASN B 68 -3.97 29.24 35.35
CA ASN B 68 -4.28 28.00 36.06
C ASN B 68 -5.60 27.48 35.53
N CYS B 69 -5.80 26.16 35.61
CA CYS B 69 -6.97 25.53 35.01
C CYS B 69 -8.28 25.82 35.75
N ARG B 70 -8.21 26.65 36.80
CA ARG B 70 -9.38 26.97 37.59
C ARG B 70 -10.24 28.05 36.94
N PHE B 71 -9.74 28.63 35.84
CA PHE B 71 -10.45 29.71 35.18
C PHE B 71 -11.68 29.20 34.43
N LEU B 72 -11.74 27.89 34.23
CA LEU B 72 -12.89 27.26 33.59
C LEU B 72 -14.07 27.17 34.56
N GLN B 73 -13.78 27.32 35.84
CA GLN B 73 -14.79 27.15 36.88
C GLN B 73 -15.66 28.39 37.06
N GLY B 74 -16.68 28.27 37.90
CA GLY B 74 -17.59 29.37 38.18
C GLY B 74 -18.67 28.97 39.16
N HIS B 75 -19.87 29.50 38.96
CA HIS B 75 -21.03 29.15 39.79
C HIS B 75 -21.50 27.72 39.48
N GLY B 76 -22.19 27.11 40.43
CA GLY B 76 -22.73 25.78 40.25
C GLY B 76 -21.70 24.68 40.38
N THR B 77 -20.43 25.04 40.25
CA THR B 77 -19.34 24.09 40.36
C THR B 77 -19.12 23.74 41.83
N ASP B 78 -19.21 22.45 42.14
CA ASP B 78 -19.12 21.97 43.51
C ASP B 78 -17.73 22.21 44.10
N PRO B 79 -17.65 23.01 45.16
CA PRO B 79 -16.38 23.32 45.84
C PRO B 79 -15.72 22.07 46.44
N ALA B 80 -16.51 21.03 46.67
CA ALA B 80 -15.99 19.76 47.18
C ALA B 80 -15.16 19.06 46.10
N HIS B 81 -15.57 19.22 44.85
CA HIS B 81 -14.84 18.64 43.73
C HIS B 81 -13.47 19.28 43.59
N VAL B 82 -13.40 20.58 43.87
CA VAL B 82 -12.17 21.34 43.75
C VAL B 82 -11.16 20.95 44.84
N ARG B 83 -11.66 20.77 46.06
CA ARG B 83 -10.80 20.41 47.19
C ARG B 83 -10.23 19.00 47.01
N ALA B 84 -10.97 18.14 46.31
CA ALA B 84 -10.49 16.80 46.00
C ALA B 84 -9.29 16.87 45.06
N ILE B 85 -9.37 17.76 44.08
CA ILE B 85 -8.27 17.99 43.15
C ILE B 85 -7.12 18.71 43.85
N LYS B 86 -7.48 19.68 44.69
CA LYS B 86 -6.51 20.47 45.42
C LYS B 86 -5.60 19.60 46.29
N SER B 87 -6.20 18.64 46.98
CA SER B 87 -5.46 17.74 47.85
C SER B 87 -4.66 16.72 47.03
N ALA B 88 -5.20 16.35 45.87
CA ALA B 88 -4.54 15.38 45.00
C ALA B 88 -3.26 15.96 44.39
N ILE B 89 -3.34 17.22 43.97
CA ILE B 89 -2.19 17.89 43.37
C ILE B 89 -1.10 18.12 44.41
N ALA B 90 -1.51 18.48 45.62
CA ALA B 90 -0.56 18.73 46.71
C ALA B 90 0.16 17.46 47.12
N ALA B 91 -0.52 16.32 47.03
CA ALA B 91 0.05 15.05 47.44
C ALA B 91 0.75 14.34 46.28
N GLU B 92 0.81 15.02 45.13
CA GLU B 92 1.44 14.47 43.93
C GLU B 92 0.85 13.11 43.55
N LYS B 93 -0.48 13.02 43.59
CA LYS B 93 -1.18 11.79 43.27
C LYS B 93 -2.18 12.02 42.12
N PRO B 94 -2.38 11.01 41.27
CA PRO B 94 -3.35 11.12 40.17
C PRO B 94 -4.79 11.13 40.68
N ILE B 95 -5.72 11.63 39.87
CA ILE B 95 -7.11 11.73 40.29
C ILE B 95 -8.09 11.74 39.10
N ASP B 96 -9.15 10.96 39.22
CA ASP B 96 -10.23 10.96 38.25
C ASP B 96 -11.50 11.53 38.87
N ILE B 97 -12.05 12.58 38.24
CA ILE B 97 -13.20 13.28 38.82
C ILE B 97 -13.93 14.13 37.78
N ASP B 98 -15.26 14.08 37.81
CA ASP B 98 -16.09 14.92 36.96
C ASP B 98 -16.35 16.26 37.63
N ILE B 99 -16.47 17.32 36.85
CA ILE B 99 -16.68 18.66 37.40
C ILE B 99 -17.35 19.58 36.39
N ILE B 100 -18.01 20.62 36.89
CA ILE B 100 -18.66 21.61 36.05
C ILE B 100 -17.69 22.72 35.66
N ASN B 101 -17.63 23.02 34.36
CA ASN B 101 -16.78 24.11 33.88
C ASN B 101 -17.53 25.03 32.93
N TYR B 102 -16.86 26.11 32.54
CA TYR B 102 -17.45 27.10 31.63
C TYR B 102 -16.53 27.38 30.45
N LYS B 103 -17.06 27.21 29.24
CA LYS B 103 -16.32 27.58 28.05
C LYS B 103 -16.48 29.09 27.83
N LYS B 104 -15.68 29.64 26.91
CA LYS B 104 -15.57 31.09 26.75
C LYS B 104 -16.91 31.79 26.52
N SER B 105 -17.82 31.12 25.82
CA SER B 105 -19.12 31.70 25.51
C SER B 105 -19.95 31.91 26.78
N GLY B 106 -19.68 31.11 27.79
CA GLY B 106 -20.44 31.14 29.03
C GLY B 106 -21.20 29.85 29.22
N GLU B 107 -21.27 29.06 28.16
CA GLU B 107 -21.94 27.77 28.19
C GLU B 107 -21.30 26.82 29.19
N ALA B 108 -22.08 26.39 30.18
CA ALA B 108 -21.60 25.45 31.17
C ALA B 108 -21.55 24.04 30.61
N PHE B 109 -20.62 23.23 31.10
CA PHE B 109 -20.50 21.85 30.66
C PHE B 109 -19.80 20.99 31.71
N TRP B 110 -20.01 19.69 31.64
CA TRP B 110 -19.39 18.75 32.57
C TRP B 110 -18.04 18.29 32.04
N ASN B 111 -17.01 18.46 32.86
CA ASN B 111 -15.65 18.12 32.47
C ASN B 111 -15.14 16.86 33.15
N ARG B 112 -15.09 15.76 32.40
CA ARG B 112 -14.47 14.55 32.91
C ARG B 112 -12.96 14.74 32.92
N LEU B 113 -12.37 14.68 34.11
CA LEU B 113 -10.97 15.07 34.28
C LEU B 113 -10.09 13.92 34.75
N HIS B 114 -8.98 13.72 34.04
CA HIS B 114 -8.00 12.70 34.42
C HIS B 114 -6.61 13.32 34.54
N ILE B 115 -6.19 13.58 35.77
CA ILE B 115 -4.91 14.24 36.02
C ILE B 115 -3.85 13.24 36.50
N SER B 116 -2.64 13.37 35.97
CA SER B 116 -1.53 12.49 36.36
C SER B 116 -0.25 13.29 36.63
N PRO B 117 0.43 12.98 37.73
CA PRO B 117 1.69 13.63 38.09
C PRO B 117 2.88 13.03 37.34
N VAL B 118 3.83 13.87 36.96
CA VAL B 118 5.01 13.41 36.23
C VAL B 118 6.29 13.63 37.03
N HIS B 119 6.90 12.54 37.49
CA HIS B 119 8.15 12.60 38.23
C HIS B 119 9.32 12.08 37.39
N ASN B 120 10.52 12.57 37.65
CA ASN B 120 11.70 12.10 36.94
C ASN B 120 12.36 10.92 37.64
N ALA B 121 13.64 10.69 37.34
CA ALA B 121 14.38 9.58 37.92
C ALA B 121 14.64 9.80 39.41
N ASN B 122 15.03 11.03 39.76
CA ASN B 122 15.32 11.36 41.15
C ASN B 122 14.06 11.39 42.01
N GLY B 123 12.91 11.50 41.36
CA GLY B 123 11.65 11.58 42.08
C GLY B 123 11.15 13.02 42.14
N ARG B 124 11.87 13.91 41.47
CA ARG B 124 11.55 15.32 41.45
C ARG B 124 10.35 15.60 40.55
N LEU B 125 9.35 16.28 41.10
CA LEU B 125 8.16 16.63 40.33
C LEU B 125 8.50 17.58 39.19
N GLN B 126 8.14 17.20 37.97
CA GLN B 126 8.46 18.00 36.80
C GLN B 126 7.23 18.58 36.10
N HIS B 127 6.21 17.76 35.90
CA HIS B 127 5.03 18.19 35.17
C HIS B 127 3.72 17.57 35.67
N PHE B 128 2.61 18.14 35.20
CA PHE B 128 1.30 17.53 35.34
C PHE B 128 0.66 17.41 33.96
N VAL B 129 0.15 16.24 33.63
CA VAL B 129 -0.54 16.02 32.36
C VAL B 129 -1.98 15.59 32.63
N SER B 130 -2.89 15.96 31.74
CA SER B 130 -4.30 15.67 31.97
C SER B 130 -5.07 15.29 30.71
N SER B 131 -6.16 14.55 30.91
CA SER B 131 -7.11 14.24 29.86
C SER B 131 -8.45 14.89 30.17
N GLN B 132 -8.94 15.72 29.27
CA GLN B 132 -10.24 16.36 29.44
C GLN B 132 -11.26 15.76 28.49
N LEU B 133 -12.49 15.61 28.96
CA LEU B 133 -13.56 15.06 28.13
C LEU B 133 -14.91 15.67 28.47
N ASP B 134 -15.65 16.04 27.44
CA ASP B 134 -16.97 16.63 27.63
C ASP B 134 -18.04 15.54 27.74
N VAL B 135 -18.58 15.38 28.94
CA VAL B 135 -19.57 14.34 29.20
C VAL B 135 -20.88 14.93 29.72
N THR B 136 -21.18 16.15 29.32
CA THR B 136 -22.37 16.85 29.77
C THR B 136 -23.64 16.21 29.23
N LEU B 137 -23.79 16.27 27.90
CA LEU B 137 -24.98 15.73 27.25
C LEU B 137 -24.90 14.21 27.16
N GLU B 138 -23.76 13.65 27.53
CA GLU B 138 -23.58 12.19 27.53
C GLU B 138 -24.26 11.55 28.72
N LEU B 139 -23.95 12.03 29.92
CA LEU B 139 -24.57 11.50 31.14
C LEU B 139 -26.04 11.93 31.19
N SER B 140 -26.31 13.12 30.66
CA SER B 140 -27.67 13.67 30.67
C SER B 140 -28.60 12.87 29.77
N ARG B 141 -28.04 12.28 28.72
CA ARG B 141 -28.83 11.48 27.78
C ARG B 141 -29.28 10.17 28.42
N LEU B 142 -28.41 9.57 29.22
CA LEU B 142 -28.69 8.26 29.80
C LEU B 142 -29.46 8.33 31.11
N VAL B 143 -29.45 9.48 31.77
CA VAL B 143 -30.23 9.63 32.99
C VAL B 143 -31.68 9.93 32.66
N GLU B 144 -31.96 10.28 31.41
CA GLU B 144 -33.32 10.53 30.97
C GLU B 144 -33.87 9.33 30.23
N LEU B 145 -32.97 8.47 29.74
CA LEU B 145 -33.39 7.26 29.03
C LEU B 145 -33.76 6.14 30.00
N GLU B 146 -33.25 6.24 31.23
CA GLU B 146 -33.52 5.23 32.24
C GLU B 146 -34.71 5.61 33.12
N LYS B 147 -35.09 6.88 33.08
CA LYS B 147 -36.29 7.34 33.77
C LYS B 147 -37.49 7.24 32.85
N GLU B 148 -37.22 7.25 31.55
CA GLU B 148 -38.27 7.16 30.54
C GLU B 148 -38.74 5.73 30.37
N ARG B 149 -37.82 4.79 30.53
CA ARG B 149 -38.13 3.37 30.38
C ARG B 149 -39.00 2.87 31.53
N LYS B 150 -38.73 3.37 32.73
CA LYS B 150 -39.47 2.97 33.92
C LYS B 150 -40.94 3.38 33.80
N THR B 151 -41.16 4.63 33.38
CA THR B 151 -42.50 5.17 33.25
C THR B 151 -43.32 4.41 32.21
N LEU B 152 -42.74 4.18 31.04
CA LEU B 152 -43.43 3.49 29.97
C LEU B 152 -43.70 2.03 30.31
N SER B 153 -42.87 1.45 31.16
CA SER B 153 -43.06 0.07 31.59
C SER B 153 -44.31 -0.04 32.48
N ILE B 154 -44.44 0.89 33.42
CA ILE B 154 -45.58 0.92 34.31
C ILE B 154 -46.86 1.26 33.54
N GLU B 155 -46.76 2.26 32.66
CA GLU B 155 -47.91 2.73 31.90
C GLU B 155 -48.52 1.62 31.04
N THR B 156 -47.68 0.90 30.31
CA THR B 156 -48.15 -0.19 29.46
C THR B 156 -48.79 -1.29 30.29
N ALA B 157 -48.15 -1.63 31.40
CA ALA B 157 -48.66 -2.67 32.30
C ALA B 157 -49.99 -2.26 32.91
N ARG B 158 -50.14 -0.98 33.20
CA ARG B 158 -51.36 -0.47 33.82
C ARG B 158 -52.47 -0.28 32.80
N SER B 159 -52.12 0.22 31.61
CA SER B 159 -53.11 0.38 30.54
C SER B 159 -53.61 -0.97 30.07
N LYS B 160 -52.84 -2.01 30.36
CA LYS B 160 -53.24 -3.38 30.07
C LYS B 160 -54.10 -3.90 31.21
N ASP B 161 -53.81 -3.43 32.42
CA ASP B 161 -54.60 -3.76 33.60
C ASP B 161 -55.98 -3.12 33.51
N GLN B 162 -56.04 -1.94 32.91
CA GLN B 162 -57.30 -1.22 32.76
C GLN B 162 -58.23 -1.91 31.76
N LEU B 163 -57.65 -2.39 30.67
CA LEU B 163 -58.41 -3.04 29.60
C LEU B 163 -59.15 -4.28 30.09
N ASP B 164 -58.41 -5.18 30.74
CA ASP B 164 -58.98 -6.43 31.22
C ASP B 164 -60.01 -6.21 32.32
N TYR B 165 -59.81 -5.15 33.11
CA TYR B 165 -60.75 -4.82 34.17
C TYR B 165 -62.09 -4.38 33.61
N ILE B 166 -62.05 -3.53 32.59
CA ILE B 166 -63.27 -3.01 31.98
C ILE B 166 -64.08 -4.10 31.29
N VAL B 167 -63.39 -4.91 30.48
CA VAL B 167 -64.03 -5.99 29.74
C VAL B 167 -64.72 -6.99 30.67
N GLU B 168 -64.05 -7.35 31.75
CA GLU B 168 -64.60 -8.31 32.70
C GLU B 168 -65.80 -7.76 33.47
N VAL B 169 -65.61 -6.59 34.09
CA VAL B 169 -66.64 -5.99 34.93
C VAL B 169 -67.88 -5.57 34.16
N ALA B 170 -67.68 -5.08 32.94
CA ALA B 170 -68.79 -4.54 32.15
C ALA B 170 -69.41 -5.58 31.20
N ASN B 171 -68.94 -6.83 31.29
CA ASN B 171 -69.46 -7.93 30.47
C ASN B 171 -69.53 -7.58 28.99
N ILE B 172 -68.39 -7.29 28.39
CA ILE B 172 -68.34 -6.88 26.98
C ILE B 172 -67.86 -8.00 26.06
N GLY B 173 -68.61 -8.22 24.98
CA GLY B 173 -68.18 -9.12 23.94
C GLY B 173 -67.13 -8.46 23.07
N PHE B 174 -65.89 -8.51 23.54
CA PHE B 174 -64.78 -7.84 22.85
C PHE B 174 -63.84 -8.84 22.20
N TRP B 175 -63.47 -8.55 20.95
CA TRP B 175 -62.52 -9.39 20.23
C TRP B 175 -61.49 -8.56 19.46
N THR B 176 -60.33 -9.16 19.24
CA THR B 176 -59.29 -8.54 18.42
C THR B 176 -58.90 -9.51 17.31
N ARG B 177 -58.52 -8.96 16.15
CA ARG B 177 -58.11 -9.81 15.04
C ARG B 177 -56.99 -9.19 14.22
N GLU B 178 -55.91 -9.94 14.05
CA GLU B 178 -54.86 -9.57 13.12
C GLU B 178 -55.40 -9.71 11.70
N PHE B 179 -55.54 -8.58 11.01
CA PHE B 179 -56.23 -8.53 9.74
C PHE B 179 -55.69 -9.52 8.70
N TYR B 180 -54.38 -9.49 8.48
CA TYR B 180 -53.77 -10.38 7.51
C TYR B 180 -53.77 -11.83 7.99
N SER B 181 -53.32 -12.05 9.22
CA SER B 181 -53.21 -13.39 9.77
C SER B 181 -54.57 -14.08 9.91
N GLY B 182 -55.41 -13.56 10.81
CA GLY B 182 -56.71 -14.13 11.04
C GLY B 182 -56.86 -14.67 12.45
N LYS B 183 -55.77 -14.71 13.19
CA LYS B 183 -55.79 -15.15 14.58
C LYS B 183 -56.58 -14.16 15.44
N MET B 184 -57.44 -14.68 16.30
CA MET B 184 -58.31 -13.82 17.10
C MET B 184 -58.15 -14.04 18.61
N THR B 185 -58.63 -13.05 19.37
CA THR B 185 -58.73 -13.15 20.82
C THR B 185 -60.18 -12.90 21.19
N CYS B 186 -60.67 -13.59 22.22
CA CYS B 186 -62.07 -13.45 22.61
C CYS B 186 -62.28 -13.36 24.11
N SER B 187 -63.10 -12.41 24.52
CA SER B 187 -63.49 -12.27 25.92
C SER B 187 -64.52 -13.32 26.29
N ALA B 188 -64.79 -13.45 27.59
CA ALA B 188 -65.75 -14.44 28.08
C ALA B 188 -67.15 -14.17 27.56
N GLU B 189 -67.53 -12.90 27.49
CA GLU B 189 -68.84 -12.52 26.98
C GLU B 189 -68.94 -12.73 25.48
N CYS B 190 -67.82 -12.51 24.79
CA CYS B 190 -67.76 -12.67 23.35
C CYS B 190 -67.98 -14.13 22.94
N ARG B 191 -67.42 -15.04 23.73
CA ARG B 191 -67.54 -16.47 23.46
C ARG B 191 -68.93 -16.99 23.80
N ARG B 192 -69.56 -16.37 24.79
CA ARG B 192 -70.90 -16.78 25.21
C ARG B 192 -71.94 -16.39 24.16
N ILE B 193 -71.66 -15.30 23.44
CA ILE B 193 -72.57 -14.83 22.40
C ILE B 193 -72.59 -15.76 21.20
N TYR B 194 -71.41 -16.17 20.73
CA TYR B 194 -71.32 -17.10 19.61
C TYR B 194 -71.56 -18.53 20.05
N GLY B 195 -71.26 -18.84 21.31
CA GLY B 195 -71.44 -20.16 21.85
C GLY B 195 -70.17 -20.98 21.89
N PHE B 196 -69.06 -20.31 22.19
CA PHE B 196 -67.75 -20.97 22.25
C PHE B 196 -67.46 -21.50 23.65
N THR B 197 -66.44 -22.36 23.75
CA THR B 197 -65.90 -22.76 25.04
C THR B 197 -64.82 -21.77 25.42
N PRO B 198 -64.69 -21.47 26.72
CA PRO B 198 -63.79 -20.41 27.20
C PRO B 198 -62.30 -20.64 26.90
N ASP B 199 -61.92 -21.82 26.45
CA ASP B 199 -60.50 -22.14 26.28
C ASP B 199 -60.11 -22.64 24.89
N GLU B 200 -61.05 -22.65 23.96
CA GLU B 200 -60.73 -23.09 22.60
C GLU B 200 -60.15 -21.94 21.77
N PRO B 201 -59.20 -22.27 20.89
CA PRO B 201 -58.62 -21.27 19.98
C PRO B 201 -59.67 -20.77 18.98
N VAL B 202 -59.72 -19.46 18.78
CA VAL B 202 -60.72 -18.87 17.90
C VAL B 202 -60.08 -18.20 16.69
N HIS B 203 -60.48 -18.65 15.49
CA HIS B 203 -60.05 -18.03 14.25
C HIS B 203 -61.25 -17.35 13.60
N PHE B 204 -61.00 -16.51 12.61
CA PHE B 204 -62.08 -15.83 11.91
C PHE B 204 -62.98 -16.83 11.19
N ASP B 205 -62.40 -17.96 10.80
CA ASP B 205 -63.16 -19.03 10.14
C ASP B 205 -64.10 -19.71 11.13
N THR B 206 -63.71 -19.76 12.39
CA THR B 206 -64.53 -20.37 13.44
C THR B 206 -65.86 -19.64 13.58
N ILE B 207 -65.83 -18.33 13.38
CA ILE B 207 -67.04 -17.51 13.43
C ILE B 207 -67.87 -17.69 12.15
N LEU B 208 -67.19 -17.81 11.02
CA LEU B 208 -67.87 -17.96 9.73
C LEU B 208 -68.71 -19.23 9.64
N ASP B 209 -68.34 -20.25 10.42
CA ASP B 209 -69.05 -21.53 10.40
C ASP B 209 -70.43 -21.41 11.01
N LEU B 210 -70.66 -20.36 11.79
CA LEU B 210 -71.93 -20.18 12.49
C LEU B 210 -72.84 -19.21 11.76
N VAL B 211 -72.26 -18.35 10.93
CA VAL B 211 -73.03 -17.37 10.16
C VAL B 211 -73.88 -18.06 9.10
N VAL B 212 -75.12 -17.62 8.97
CA VAL B 212 -76.02 -18.15 7.95
C VAL B 212 -75.45 -17.87 6.56
N LEU B 213 -75.73 -18.76 5.61
CA LEU B 213 -75.15 -18.67 4.28
C LEU B 213 -75.68 -17.48 3.47
N GLU B 214 -76.88 -17.02 3.81
CA GLU B 214 -77.47 -15.88 3.11
C GLU B 214 -76.72 -14.60 3.42
N ASP B 215 -76.18 -14.51 4.64
CA ASP B 215 -75.47 -13.31 5.08
C ASP B 215 -73.95 -13.51 5.15
N ARG B 216 -73.49 -14.71 4.79
CA ARG B 216 -72.08 -15.05 4.96
C ARG B 216 -71.16 -14.25 4.03
N MET B 217 -71.59 -14.06 2.78
CA MET B 217 -70.78 -13.35 1.81
C MET B 217 -70.61 -11.86 2.16
N THR B 218 -71.66 -11.27 2.70
CA THR B 218 -71.65 -9.86 3.07
C THR B 218 -70.73 -9.58 4.25
N VAL B 219 -70.45 -10.61 5.05
CA VAL B 219 -69.61 -10.46 6.22
C VAL B 219 -68.13 -10.46 5.86
N VAL B 220 -67.70 -11.46 5.09
CA VAL B 220 -66.30 -11.61 4.73
C VAL B 220 -65.80 -10.42 3.90
N GLN B 221 -66.65 -9.93 3.00
CA GLN B 221 -66.28 -8.81 2.14
C GLN B 221 -66.04 -7.53 2.95
N LYS B 222 -66.95 -7.23 3.86
CA LYS B 222 -66.85 -6.03 4.68
C LYS B 222 -65.61 -6.07 5.57
N ALA B 223 -65.31 -7.24 6.11
CA ALA B 223 -64.13 -7.41 6.95
C ALA B 223 -62.86 -7.32 6.11
N HIS B 224 -62.96 -7.73 4.85
CA HIS B 224 -61.81 -7.77 3.95
C HIS B 224 -61.51 -6.42 3.32
N GLN B 225 -62.58 -5.69 2.95
CA GLN B 225 -62.44 -4.44 2.22
C GLN B 225 -61.75 -3.33 3.02
N ALA B 226 -62.13 -3.19 4.28
CA ALA B 226 -61.65 -2.06 5.09
C ALA B 226 -60.38 -2.38 5.86
N VAL B 227 -59.25 -1.96 5.32
CA VAL B 227 -57.97 -2.07 6.01
C VAL B 227 -57.59 -0.71 6.59
N THR B 228 -58.37 0.30 6.21
CA THR B 228 -58.15 1.66 6.69
C THR B 228 -58.51 1.80 8.17
N GLY B 229 -58.18 2.96 8.75
CA GLY B 229 -58.48 3.22 10.14
C GLY B 229 -59.83 3.87 10.33
N GLU B 230 -60.79 3.49 9.49
CA GLU B 230 -62.14 4.04 9.55
C GLU B 230 -63.11 3.05 10.17
N PRO B 231 -63.91 3.51 11.14
CA PRO B 231 -64.89 2.66 11.82
C PRO B 231 -66.03 2.23 10.91
N TYR B 232 -66.57 1.04 11.16
CA TYR B 232 -67.67 0.53 10.35
C TYR B 232 -68.51 -0.45 11.17
N SER B 233 -69.76 -0.63 10.76
CA SER B 233 -70.66 -1.54 11.46
C SER B 233 -71.20 -2.62 10.53
N ILE B 234 -71.58 -3.76 11.10
CA ILE B 234 -72.12 -4.86 10.33
C ILE B 234 -73.06 -5.70 11.21
N GLU B 235 -74.17 -6.14 10.62
CA GLU B 235 -75.13 -6.96 11.33
C GLU B 235 -75.56 -8.17 10.50
N TYR B 236 -75.50 -9.34 11.12
CA TYR B 236 -75.79 -10.60 10.43
C TYR B 236 -76.40 -11.62 11.37
N ARG B 237 -76.85 -12.74 10.78
CA ARG B 237 -77.46 -13.81 11.56
C ARG B 237 -76.51 -14.99 11.73
N ILE B 238 -76.56 -15.61 12.91
CA ILE B 238 -75.77 -16.81 13.17
C ILE B 238 -76.62 -17.91 13.78
N VAL B 239 -76.09 -19.13 13.75
CA VAL B 239 -76.72 -20.27 14.40
C VAL B 239 -75.67 -21.03 15.21
N THR B 240 -75.87 -21.10 16.52
CA THR B 240 -74.90 -21.73 17.41
C THR B 240 -74.81 -23.24 17.17
N ARG B 241 -73.93 -23.89 17.92
CA ARG B 241 -73.74 -25.33 17.79
C ARG B 241 -74.95 -26.11 18.27
N LEU B 242 -75.78 -25.48 19.09
CA LEU B 242 -76.99 -26.11 19.60
C LEU B 242 -78.18 -25.82 18.69
N GLY B 243 -78.02 -24.85 17.80
CA GLY B 243 -79.04 -24.53 16.82
C GLY B 243 -79.79 -23.22 17.07
N GLU B 244 -79.41 -22.51 18.13
CA GLU B 244 -80.06 -21.25 18.47
C GLU B 244 -79.71 -20.16 17.46
N THR B 245 -80.74 -19.52 16.91
CA THR B 245 -80.54 -18.45 15.94
C THR B 245 -80.46 -17.10 16.62
N ARG B 246 -79.38 -16.37 16.36
CA ARG B 246 -79.15 -15.08 17.02
C ARG B 246 -78.80 -13.97 16.03
N TRP B 247 -79.47 -12.83 16.17
CA TRP B 247 -79.15 -11.64 15.40
C TRP B 247 -78.07 -10.83 16.11
N LEU B 248 -77.03 -10.45 15.37
CA LEU B 248 -75.89 -9.79 15.98
C LEU B 248 -75.58 -8.42 15.37
N GLU B 249 -74.95 -7.56 16.16
CA GLU B 249 -74.42 -6.30 15.69
C GLU B 249 -72.96 -6.16 16.12
N THR B 250 -72.09 -5.86 15.16
CA THR B 250 -70.67 -5.72 15.45
C THR B 250 -70.15 -4.35 15.00
N ARG B 251 -69.56 -3.62 15.94
CA ARG B 251 -68.96 -2.32 15.63
C ARG B 251 -67.43 -2.43 15.72
N ALA B 252 -66.78 -2.44 14.56
CA ALA B 252 -65.35 -2.71 14.50
C ALA B 252 -64.54 -1.56 13.91
N LYS B 253 -63.23 -1.56 14.22
CA LYS B 253 -62.31 -0.56 13.72
C LYS B 253 -60.88 -1.10 13.75
N ALA B 254 -60.14 -0.87 12.67
CA ALA B 254 -58.77 -1.38 12.55
C ALA B 254 -57.74 -0.30 12.86
N LEU B 255 -56.69 -0.68 13.58
CA LEU B 255 -55.62 0.24 13.92
C LEU B 255 -54.48 0.18 12.90
N THR B 256 -54.39 1.20 12.05
CA THR B 256 -53.35 1.26 11.04
C THR B 256 -51.98 1.52 11.69
N GLY B 257 -50.99 0.77 11.26
CA GLY B 257 -49.66 0.91 11.79
C GLY B 257 -49.06 -0.47 11.89
N GLU B 258 -47.94 -0.69 11.19
CA GLU B 258 -47.24 -1.97 11.17
C GLU B 258 -48.20 -3.10 10.89
N ASN B 259 -48.16 -4.15 11.69
CA ASN B 259 -49.09 -5.24 11.51
C ASN B 259 -50.38 -4.75 12.07
N PRO B 260 -51.38 -4.63 11.20
CA PRO B 260 -52.69 -4.12 11.57
C PRO B 260 -53.40 -5.02 12.53
N LEU B 261 -54.28 -4.40 13.29
CA LEU B 261 -55.08 -5.09 14.30
C LEU B 261 -56.51 -4.58 14.31
N VAL B 262 -57.46 -5.49 14.08
CA VAL B 262 -58.86 -5.12 14.02
C VAL B 262 -59.53 -5.31 15.38
N LEU B 263 -60.05 -4.22 15.93
CA LEU B 263 -60.78 -4.26 17.19
C LEU B 263 -62.27 -4.27 16.91
N GLY B 264 -63.01 -5.08 17.66
CA GLY B 264 -64.45 -5.17 17.45
C GLY B 264 -65.24 -5.49 18.70
N ILE B 265 -66.38 -4.83 18.86
CA ILE B 265 -67.29 -5.10 19.95
C ILE B 265 -68.61 -5.63 19.41
N VAL B 266 -69.00 -6.83 19.85
CA VAL B 266 -70.22 -7.46 19.37
C VAL B 266 -71.22 -7.66 20.51
N GLN B 267 -72.47 -7.28 20.26
CA GLN B 267 -73.53 -7.47 21.24
C GLN B 267 -74.72 -8.19 20.62
N ASP B 268 -75.32 -9.10 21.38
CA ASP B 268 -76.49 -9.83 20.92
C ASP B 268 -77.72 -8.94 20.95
N VAL B 269 -78.31 -8.72 19.77
CA VAL B 269 -79.47 -7.84 19.65
C VAL B 269 -80.65 -8.63 19.09
N THR B 270 -80.81 -9.85 19.59
CA THR B 270 -81.91 -10.72 19.18
C THR B 270 -83.26 -10.07 19.50
N GLU B 271 -83.68 -9.16 18.64
CA GLU B 271 -84.98 -8.52 18.76
C GLU B 271 -85.78 -8.74 17.49
N ARG B 272 -87.09 -8.83 17.61
CA ARG B 272 -87.95 -9.22 16.50
C ARG B 272 -88.02 -8.17 15.40
N LYS B 273 -88.07 -8.64 14.15
CA LYS B 273 -88.09 -7.79 12.97
C LYS B 273 -89.32 -6.89 12.93
N ALA C 19 -14.43 -21.80 -31.22
CA ALA C 19 -13.26 -21.02 -31.61
C ALA C 19 -12.41 -20.66 -30.40
N THR C 20 -11.13 -20.43 -30.64
CA THR C 20 -10.20 -20.09 -29.56
C THR C 20 -9.95 -18.59 -29.52
N ASP C 21 -9.89 -18.03 -28.32
CA ASP C 21 -9.62 -16.61 -28.15
C ASP C 21 -8.21 -16.27 -28.64
N PRO C 22 -8.11 -15.31 -29.58
CA PRO C 22 -6.84 -14.88 -30.15
C PRO C 22 -5.88 -14.35 -29.10
N PHE C 23 -6.37 -13.52 -28.19
CA PHE C 23 -5.55 -12.93 -27.14
C PHE C 23 -5.05 -13.99 -26.17
N ARG C 24 -5.91 -14.96 -25.88
CA ARG C 24 -5.55 -16.09 -25.03
C ARG C 24 -4.41 -16.90 -25.65
N ALA C 25 -4.51 -17.11 -26.96
CA ALA C 25 -3.48 -17.83 -27.70
C ALA C 25 -2.24 -16.97 -27.91
N ALA C 26 -2.44 -15.67 -28.02
CA ALA C 26 -1.34 -14.73 -28.21
C ALA C 26 -0.41 -14.77 -27.00
N VAL C 27 -0.99 -14.76 -25.81
CA VAL C 27 -0.22 -14.83 -24.58
C VAL C 27 0.36 -16.24 -24.42
N GLU C 28 -0.36 -17.22 -24.95
CA GLU C 28 0.08 -18.61 -24.89
C GLU C 28 1.34 -18.85 -25.74
N PHE C 29 1.41 -18.16 -26.87
CA PHE C 29 2.46 -18.43 -27.84
C PHE C 29 3.57 -17.37 -27.89
N THR C 30 3.36 -16.27 -27.17
CA THR C 30 4.32 -15.15 -27.21
C THR C 30 5.67 -15.53 -26.61
N LEU C 31 6.72 -14.82 -27.04
CA LEU C 31 8.04 -15.03 -26.48
C LEU C 31 8.14 -14.41 -25.09
N MET C 32 7.31 -13.40 -24.85
CA MET C 32 7.33 -12.64 -23.61
C MET C 32 6.71 -13.42 -22.45
N PRO C 33 7.51 -13.72 -21.42
CA PRO C 33 7.01 -14.31 -20.17
C PRO C 33 6.02 -13.38 -19.48
N MET C 34 4.80 -13.85 -19.26
CA MET C 34 3.75 -13.02 -18.69
C MET C 34 3.03 -13.71 -17.52
N LEU C 35 2.45 -12.90 -16.64
CA LEU C 35 1.76 -13.40 -15.47
C LEU C 35 0.45 -12.67 -15.21
N ILE C 36 -0.53 -13.38 -14.66
CA ILE C 36 -1.77 -12.77 -14.20
C ILE C 36 -2.02 -13.19 -12.76
N THR C 37 -2.38 -12.22 -11.91
CA THR C 37 -2.61 -12.52 -10.50
C THR C 37 -3.99 -12.07 -10.04
N ASN C 38 -4.47 -12.65 -8.93
CA ASN C 38 -5.78 -12.31 -8.38
C ASN C 38 -5.65 -11.65 -7.02
N PRO C 39 -5.80 -10.32 -6.98
CA PRO C 39 -5.71 -9.56 -5.73
C PRO C 39 -6.91 -9.77 -4.80
N HIS C 40 -7.96 -10.40 -5.32
CA HIS C 40 -9.13 -10.72 -4.50
C HIS C 40 -8.85 -11.90 -3.60
N LEU C 41 -7.84 -12.68 -3.95
CA LEU C 41 -7.43 -13.84 -3.15
C LEU C 41 -6.33 -13.44 -2.16
N PRO C 42 -6.22 -14.17 -1.04
CA PRO C 42 -5.19 -13.88 -0.02
C PRO C 42 -3.78 -13.79 -0.58
N ASP C 43 -3.12 -12.67 -0.29
CA ASP C 43 -1.71 -12.45 -0.65
C ASP C 43 -1.47 -12.42 -2.16
N ASN C 44 -2.52 -12.14 -2.93
CA ASN C 44 -2.42 -11.93 -4.37
C ASN C 44 -1.60 -12.99 -5.11
N PRO C 45 -2.12 -14.22 -5.19
CA PRO C 45 -1.38 -15.33 -5.81
C PRO C 45 -1.41 -15.28 -7.34
N ILE C 46 -0.56 -16.07 -7.97
CA ILE C 46 -0.55 -16.16 -9.42
C ILE C 46 -1.61 -17.15 -9.90
N VAL C 47 -2.38 -16.74 -10.91
CA VAL C 47 -3.46 -17.58 -11.42
C VAL C 47 -3.21 -18.04 -12.86
N PHE C 48 -2.15 -17.49 -13.47
CA PHE C 48 -1.77 -17.90 -14.83
C PHE C 48 -0.31 -17.61 -15.14
N ALA C 49 0.31 -18.53 -15.86
CA ALA C 49 1.70 -18.39 -16.28
C ALA C 49 1.91 -19.04 -17.65
N ASN C 50 2.25 -18.22 -18.64
CA ASN C 50 2.46 -18.72 -20.00
C ASN C 50 3.73 -19.57 -20.10
N PRO C 51 3.80 -20.45 -21.11
CA PRO C 51 4.98 -21.32 -21.31
C PRO C 51 6.31 -20.59 -21.33
N ALA C 52 6.31 -19.32 -21.75
CA ALA C 52 7.52 -18.52 -21.80
C ALA C 52 8.09 -18.31 -20.40
N PHE C 53 7.22 -18.04 -19.43
CA PHE C 53 7.62 -17.82 -18.06
C PHE C 53 8.17 -19.09 -17.41
N LEU C 54 7.62 -20.23 -17.79
CA LEU C 54 8.00 -21.51 -17.19
C LEU C 54 9.40 -21.93 -17.60
N LYS C 55 9.70 -21.88 -18.89
CA LYS C 55 11.01 -22.28 -19.38
C LYS C 55 12.08 -21.26 -19.00
N LEU C 56 11.66 -20.03 -18.71
CA LEU C 56 12.57 -18.99 -18.27
C LEU C 56 13.00 -19.21 -16.83
N THR C 57 12.04 -19.53 -15.97
CA THR C 57 12.30 -19.70 -14.55
C THR C 57 12.66 -21.15 -14.22
N GLY C 58 12.31 -22.07 -15.12
CA GLY C 58 12.62 -23.47 -14.94
C GLY C 58 11.62 -24.20 -14.07
N TYR C 59 10.51 -23.54 -13.76
CA TYR C 59 9.46 -24.15 -12.95
C TYR C 59 8.39 -24.83 -13.80
N GLU C 60 7.67 -25.76 -13.19
CA GLU C 60 6.48 -26.31 -13.81
C GLU C 60 5.29 -25.43 -13.50
N ALA C 61 4.13 -25.78 -14.06
CA ALA C 61 2.92 -24.97 -13.86
C ALA C 61 2.43 -25.02 -12.42
N ASP C 62 2.33 -26.22 -11.87
CA ASP C 62 1.80 -26.41 -10.52
C ASP C 62 2.73 -25.88 -9.43
N GLU C 63 3.99 -25.64 -9.80
CA GLU C 63 4.96 -25.11 -8.84
C GLU C 63 4.89 -23.59 -8.75
N VAL C 64 4.07 -22.98 -9.60
CA VAL C 64 3.97 -21.52 -9.64
C VAL C 64 2.57 -21.03 -9.27
N MET C 65 1.55 -21.78 -9.68
CA MET C 65 0.17 -21.41 -9.41
C MET C 65 -0.11 -21.35 -7.90
N GLY C 66 -0.77 -20.28 -7.46
CA GLY C 66 -1.23 -20.18 -6.09
C GLY C 66 -0.29 -19.50 -5.12
N ARG C 67 0.91 -19.14 -5.58
CA ARG C 67 1.87 -18.47 -4.71
C ARG C 67 2.22 -17.09 -5.22
N ASN C 68 2.68 -16.22 -4.32
CA ASN C 68 3.13 -14.89 -4.70
C ASN C 68 4.42 -14.97 -5.49
N CYS C 69 4.76 -13.89 -6.19
CA CYS C 69 5.94 -13.89 -7.05
C CYS C 69 7.23 -13.63 -6.27
N ARG C 70 7.11 -13.62 -4.94
CA ARG C 70 8.26 -13.35 -4.07
C ARG C 70 9.27 -14.49 -4.06
N PHE C 71 8.83 -15.67 -4.47
CA PHE C 71 9.71 -16.84 -4.49
C PHE C 71 10.76 -16.71 -5.60
N LEU C 72 10.56 -15.75 -6.50
CA LEU C 72 11.55 -15.45 -7.53
C LEU C 72 12.67 -14.56 -6.99
N GLN C 73 12.36 -13.78 -5.97
CA GLN C 73 13.32 -12.87 -5.42
C GLN C 73 14.41 -13.50 -4.59
N GLY C 74 15.42 -12.70 -4.29
CA GLY C 74 16.60 -13.15 -3.55
C GLY C 74 17.41 -12.06 -2.86
N HIS C 75 18.53 -12.47 -2.29
CA HIS C 75 19.43 -11.58 -1.57
C HIS C 75 19.94 -10.46 -2.45
N GLY C 76 20.27 -10.79 -3.69
CA GLY C 76 20.77 -9.82 -4.65
C GLY C 76 19.80 -8.71 -4.95
N THR C 77 18.52 -9.04 -4.96
CA THR C 77 17.49 -8.09 -5.22
C THR C 77 17.61 -6.99 -4.20
N ASP C 78 17.53 -5.78 -4.72
CA ASP C 78 17.64 -4.57 -3.96
C ASP C 78 16.39 -4.33 -3.13
N PRO C 79 16.51 -4.31 -1.80
CA PRO C 79 15.34 -4.06 -0.98
C PRO C 79 14.60 -2.78 -1.31
N ALA C 80 15.26 -1.85 -1.97
CA ALA C 80 14.61 -0.62 -2.40
C ALA C 80 13.63 -0.89 -3.54
N HIS C 81 13.93 -1.92 -4.32
CA HIS C 81 13.04 -2.33 -5.42
C HIS C 81 11.72 -2.87 -4.87
N VAL C 82 11.81 -3.84 -3.97
CA VAL C 82 10.61 -4.42 -3.44
C VAL C 82 9.70 -3.38 -2.80
N ARG C 83 10.27 -2.42 -2.11
CA ARG C 83 9.46 -1.40 -1.44
C ARG C 83 8.71 -0.58 -2.48
N ALA C 84 9.36 -0.37 -3.63
CA ALA C 84 8.73 0.33 -4.75
C ALA C 84 7.59 -0.51 -5.30
N ILE C 85 7.79 -1.83 -5.30
CA ILE C 85 6.76 -2.75 -5.78
C ILE C 85 5.62 -2.83 -4.77
N LYS C 86 5.97 -2.84 -3.49
CA LYS C 86 4.98 -2.85 -2.42
C LYS C 86 4.11 -1.59 -2.48
N SER C 87 4.75 -0.45 -2.68
CA SER C 87 4.05 0.83 -2.70
C SER C 87 3.16 0.96 -3.94
N ALA C 88 3.69 0.57 -5.09
CA ALA C 88 2.96 0.68 -6.35
C ALA C 88 1.69 -0.18 -6.35
N ILE C 89 1.84 -1.44 -5.95
CA ILE C 89 0.70 -2.35 -5.92
C ILE C 89 -0.35 -1.89 -4.91
N ALA C 90 0.10 -1.48 -3.73
CA ALA C 90 -0.82 -1.01 -2.69
C ALA C 90 -1.53 0.27 -3.08
N ALA C 91 -0.92 1.02 -4.00
CA ALA C 91 -1.53 2.25 -4.50
C ALA C 91 -2.24 2.01 -5.82
N GLU C 92 -2.24 0.76 -6.26
CA GLU C 92 -2.88 0.35 -7.51
C GLU C 92 -2.39 1.16 -8.71
N LYS C 93 -1.07 1.17 -8.89
CA LYS C 93 -0.45 1.90 -10.00
C LYS C 93 0.52 1.01 -10.76
N PRO C 94 0.68 1.27 -12.07
CA PRO C 94 1.69 0.56 -12.86
C PRO C 94 3.09 0.99 -12.50
N ILE C 95 3.94 0.04 -12.10
CA ILE C 95 5.26 0.38 -11.58
C ILE C 95 6.34 0.41 -12.67
N ASP C 96 6.52 -0.70 -13.39
CA ASP C 96 7.46 -0.78 -14.51
C ASP C 96 8.90 -0.40 -14.13
N ILE C 97 9.62 -1.31 -13.50
CA ILE C 97 11.03 -1.08 -13.16
C ILE C 97 11.88 -2.33 -13.37
N ASP C 98 13.12 -2.28 -12.90
CA ASP C 98 14.05 -3.41 -13.02
C ASP C 98 14.39 -4.01 -11.67
N ILE C 99 14.70 -5.29 -11.68
CA ILE C 99 15.00 -5.96 -10.45
C ILE C 99 15.79 -7.21 -10.73
N ILE C 100 16.37 -7.79 -9.70
CA ILE C 100 17.17 -8.97 -9.89
C ILE C 100 16.48 -10.15 -9.30
N ASN C 101 16.37 -11.21 -10.07
CA ASN C 101 15.69 -12.42 -9.65
C ASN C 101 16.50 -13.63 -9.97
N TYR C 102 16.07 -14.76 -9.42
CA TYR C 102 16.73 -16.04 -9.67
C TYR C 102 15.78 -17.10 -10.19
N LYS C 103 16.34 -18.04 -10.92
CA LYS C 103 15.63 -19.18 -11.48
C LYS C 103 15.59 -20.33 -10.48
N LYS C 104 15.08 -21.48 -10.92
CA LYS C 104 14.99 -22.65 -10.06
C LYS C 104 16.38 -23.20 -9.75
N SER C 105 17.28 -23.09 -10.72
CA SER C 105 18.66 -23.53 -10.56
C SER C 105 19.42 -22.64 -9.57
N GLY C 106 19.05 -21.37 -9.55
CA GLY C 106 19.70 -20.40 -8.69
C GLY C 106 20.34 -19.29 -9.49
N GLU C 107 20.44 -19.50 -10.81
CA GLU C 107 21.04 -18.52 -11.71
C GLU C 107 20.31 -17.18 -11.67
N ALA C 108 21.02 -16.16 -11.20
CA ALA C 108 20.45 -14.81 -11.13
C ALA C 108 20.16 -14.26 -12.51
N PHE C 109 19.10 -13.48 -12.63
CA PHE C 109 18.80 -12.81 -13.89
C PHE C 109 18.16 -11.44 -13.68
N TRP C 110 18.53 -10.49 -14.53
CA TRP C 110 17.98 -9.15 -14.49
C TRP C 110 16.55 -9.14 -15.04
N ASN C 111 15.60 -8.82 -14.17
CA ASN C 111 14.19 -8.86 -14.52
C ASN C 111 13.65 -7.48 -14.86
N ARG C 112 13.50 -7.20 -16.15
CA ARG C 112 12.82 -5.99 -16.59
C ARG C 112 11.32 -6.23 -16.51
N LEU C 113 10.71 -5.71 -15.45
CA LEU C 113 9.34 -6.05 -15.13
C LEU C 113 8.37 -4.89 -15.34
N HIS C 114 7.35 -5.13 -16.16
CA HIS C 114 6.29 -4.14 -16.38
C HIS C 114 4.97 -4.63 -15.83
N ILE C 115 4.59 -4.14 -14.66
CA ILE C 115 3.32 -4.51 -14.04
C ILE C 115 2.26 -3.45 -14.30
N SER C 116 1.07 -3.88 -14.66
CA SER C 116 -0.05 -2.97 -14.91
C SER C 116 -1.34 -3.47 -14.28
N PRO C 117 -2.01 -2.61 -13.50
CA PRO C 117 -3.28 -2.95 -12.86
C PRO C 117 -4.44 -2.95 -13.86
N VAL C 118 -5.35 -3.92 -13.71
CA VAL C 118 -6.51 -4.01 -14.59
C VAL C 118 -7.79 -3.64 -13.85
N HIS C 119 -8.45 -2.58 -14.31
CA HIS C 119 -9.67 -2.11 -13.66
C HIS C 119 -10.90 -2.39 -14.51
N ASN C 120 -12.01 -2.71 -13.84
CA ASN C 120 -13.28 -2.92 -14.52
C ASN C 120 -13.92 -1.59 -14.91
N ALA C 121 -15.13 -1.65 -15.44
CA ALA C 121 -15.84 -0.45 -15.84
C ALA C 121 -16.20 0.41 -14.63
N ASN C 122 -16.54 -0.26 -13.52
CA ASN C 122 -16.91 0.43 -12.29
C ASN C 122 -15.73 1.16 -11.65
N GLY C 123 -14.54 0.58 -11.75
CA GLY C 123 -13.35 1.21 -11.24
C GLY C 123 -12.63 0.40 -10.16
N ARG C 124 -13.16 -0.76 -9.84
CA ARG C 124 -12.56 -1.61 -8.82
C ARG C 124 -11.39 -2.41 -9.38
N LEU C 125 -10.40 -2.68 -8.53
CA LEU C 125 -9.24 -3.47 -8.95
C LEU C 125 -9.65 -4.90 -9.25
N GLN C 126 -9.36 -5.36 -10.45
CA GLN C 126 -9.76 -6.70 -10.89
C GLN C 126 -8.58 -7.65 -10.99
N HIS C 127 -7.56 -7.26 -11.74
CA HIS C 127 -6.40 -8.12 -11.96
C HIS C 127 -5.09 -7.34 -12.01
N PHE C 128 -3.99 -8.08 -11.92
CA PHE C 128 -2.66 -7.54 -12.20
C PHE C 128 -2.01 -8.34 -13.32
N VAL C 129 -1.68 -7.67 -14.42
CA VAL C 129 -0.96 -8.30 -15.51
C VAL C 129 0.47 -7.81 -15.53
N SER C 130 1.39 -8.64 -16.01
CA SER C 130 2.80 -8.27 -16.01
C SER C 130 3.56 -8.80 -17.21
N SER C 131 4.61 -8.07 -17.59
CA SER C 131 5.51 -8.52 -18.64
C SER C 131 6.92 -8.64 -18.09
N GLN C 132 7.40 -9.87 -17.97
CA GLN C 132 8.75 -10.13 -17.49
C GLN C 132 9.70 -10.34 -18.67
N LEU C 133 10.74 -9.52 -18.75
CA LEU C 133 11.71 -9.66 -19.83
C LEU C 133 13.13 -9.76 -19.28
N ASP C 134 13.83 -10.82 -19.67
CA ASP C 134 15.19 -11.06 -19.20
C ASP C 134 16.19 -10.16 -19.91
N VAL C 135 16.96 -9.42 -19.11
CA VAL C 135 17.95 -8.50 -19.67
C VAL C 135 19.32 -8.68 -19.02
N THR C 136 19.54 -9.84 -18.43
CA THR C 136 20.83 -10.18 -17.85
C THR C 136 21.87 -10.34 -18.96
N LEU C 137 21.48 -11.07 -19.99
CA LEU C 137 22.32 -11.28 -21.16
C LEU C 137 22.58 -9.94 -21.85
N GLU C 138 21.71 -8.98 -21.59
CA GLU C 138 21.84 -7.64 -22.14
C GLU C 138 22.67 -6.74 -21.21
N LEU C 139 22.17 -6.55 -19.99
CA LEU C 139 22.79 -5.59 -19.07
C LEU C 139 24.19 -6.03 -18.63
N SER C 140 24.30 -7.21 -18.04
CA SER C 140 25.56 -7.69 -17.49
C SER C 140 26.67 -7.75 -18.54
N ARG C 141 26.31 -8.10 -19.76
CA ARG C 141 27.30 -8.22 -20.83
C ARG C 141 27.69 -6.86 -21.42
N LEU C 142 26.72 -5.98 -21.58
CA LEU C 142 26.97 -4.69 -22.20
C LEU C 142 27.81 -3.77 -21.33
N VAL C 143 27.48 -3.69 -20.04
CA VAL C 143 28.16 -2.77 -19.13
C VAL C 143 29.58 -3.21 -18.81
N GLU C 144 29.87 -4.50 -18.99
CA GLU C 144 31.20 -5.01 -18.71
C GLU C 144 32.11 -4.86 -19.92
N LEU C 145 31.51 -4.81 -21.11
CA LEU C 145 32.27 -4.60 -22.33
C LEU C 145 32.72 -3.15 -22.43
N GLU C 146 31.97 -2.26 -21.79
CA GLU C 146 32.31 -0.84 -21.77
C GLU C 146 33.44 -0.58 -20.78
N LYS C 147 33.48 -1.37 -19.72
CA LYS C 147 34.56 -1.26 -18.72
C LYS C 147 35.81 -1.96 -19.22
N GLU C 148 35.66 -2.75 -20.28
CA GLU C 148 36.78 -3.44 -20.89
C GLU C 148 37.35 -2.63 -22.04
N ARG C 149 36.48 -2.05 -22.85
CA ARG C 149 36.90 -1.25 -24.00
C ARG C 149 37.48 0.07 -23.55
N LYS C 150 36.96 0.62 -22.46
CA LYS C 150 37.50 1.85 -21.88
C LYS C 150 38.87 1.57 -21.28
N THR C 151 39.09 0.31 -20.90
CA THR C 151 40.38 -0.12 -20.36
C THR C 151 41.37 -0.36 -21.49
N LEU C 152 40.89 -0.94 -22.59
CA LEU C 152 41.74 -1.22 -23.73
C LEU C 152 42.07 0.04 -24.52
N SER C 153 41.21 1.05 -24.42
CA SER C 153 41.43 2.31 -25.13
C SER C 153 42.64 3.06 -24.56
N ILE C 154 42.65 3.24 -23.25
CA ILE C 154 43.74 3.94 -22.58
C ILE C 154 45.02 3.10 -22.58
N GLU C 155 44.87 1.78 -22.69
CA GLU C 155 46.01 0.86 -22.66
C GLU C 155 46.74 0.82 -24.00
N THR C 156 45.98 0.74 -25.09
CA THR C 156 46.56 0.65 -26.42
C THR C 156 47.39 1.88 -26.76
N ALA C 157 46.84 3.05 -26.44
CA ALA C 157 47.56 4.30 -26.64
C ALA C 157 48.77 4.37 -25.70
N ARG C 158 48.61 3.79 -24.52
CA ARG C 158 49.70 3.74 -23.54
C ARG C 158 50.82 2.82 -24.00
N SER C 159 50.43 1.62 -24.45
CA SER C 159 51.40 0.61 -24.89
C SER C 159 52.16 1.04 -26.13
N LYS C 160 51.58 1.96 -26.89
CA LYS C 160 52.23 2.48 -28.09
C LYS C 160 53.08 3.70 -27.74
N ASP C 161 52.67 4.44 -26.73
CA ASP C 161 53.43 5.59 -26.26
C ASP C 161 54.75 5.14 -25.65
N GLN C 162 54.75 3.96 -25.03
CA GLN C 162 55.95 3.40 -24.44
C GLN C 162 56.93 2.96 -25.52
N LEU C 163 56.41 2.29 -26.54
CA LEU C 163 57.22 1.78 -27.64
C LEU C 163 57.87 2.91 -28.43
N ASP C 164 57.15 4.02 -28.57
CA ASP C 164 57.66 5.16 -29.31
C ASP C 164 58.75 5.90 -28.54
N TYR C 165 58.59 5.98 -27.23
CA TYR C 165 59.54 6.69 -26.38
C TYR C 165 60.89 5.99 -26.31
N ILE C 166 60.87 4.67 -26.22
CA ILE C 166 62.10 3.88 -26.11
C ILE C 166 62.97 4.05 -27.36
N VAL C 167 62.36 3.86 -28.52
CA VAL C 167 63.07 3.93 -29.79
C VAL C 167 63.78 5.27 -29.97
N GLU C 168 63.10 6.36 -29.64
CA GLU C 168 63.65 7.70 -29.80
C GLU C 168 64.84 7.97 -28.89
N VAL C 169 64.69 7.65 -27.60
CA VAL C 169 65.71 7.96 -26.61
C VAL C 169 66.90 6.99 -26.67
N ALA C 170 66.61 5.70 -26.83
CA ALA C 170 67.66 4.68 -26.82
C ALA C 170 68.36 4.54 -28.16
N ASN C 171 67.87 5.27 -29.16
CA ASN C 171 68.42 5.24 -30.52
C ASN C 171 68.54 3.81 -31.08
N ILE C 172 67.39 3.15 -31.19
CA ILE C 172 67.35 1.78 -31.67
C ILE C 172 66.98 1.73 -33.15
N GLY C 173 67.80 1.06 -33.95
CA GLY C 173 67.51 0.88 -35.37
C GLY C 173 66.42 -0.16 -35.56
N PHE C 174 65.19 0.22 -35.23
CA PHE C 174 64.06 -0.71 -35.23
C PHE C 174 63.17 -0.54 -36.45
N TRP C 175 62.71 -1.66 -37.01
CA TRP C 175 61.81 -1.62 -38.15
C TRP C 175 60.82 -2.79 -38.12
N THR C 176 59.69 -2.60 -38.78
CA THR C 176 58.70 -3.66 -38.96
C THR C 176 58.39 -3.82 -40.45
N ARG C 177 57.97 -5.01 -40.84
CA ARG C 177 57.64 -5.27 -42.24
C ARG C 177 56.44 -6.19 -42.38
N GLU C 178 55.50 -5.81 -43.24
CA GLU C 178 54.37 -6.67 -43.55
C GLU C 178 54.83 -7.77 -44.49
N PHE C 179 54.86 -9.00 -43.99
CA PHE C 179 55.47 -10.14 -44.69
C PHE C 179 54.83 -10.40 -46.06
N TYR C 180 53.53 -10.11 -46.18
CA TYR C 180 52.83 -10.33 -47.43
C TYR C 180 52.90 -9.09 -48.33
N SER C 181 52.64 -7.93 -47.75
CA SER C 181 52.60 -6.69 -48.51
C SER C 181 53.99 -6.27 -48.98
N GLY C 182 54.90 -6.11 -48.04
CA GLY C 182 56.24 -5.64 -48.34
C GLY C 182 56.44 -4.22 -47.83
N LYS C 183 55.42 -3.69 -47.17
CA LYS C 183 55.47 -2.36 -46.59
C LYS C 183 56.27 -2.36 -45.30
N MET C 184 57.05 -1.30 -45.08
CA MET C 184 57.90 -1.21 -43.91
C MET C 184 57.66 0.08 -43.12
N THR C 185 58.11 0.09 -41.87
CA THR C 185 58.12 1.29 -41.05
C THR C 185 59.49 1.45 -40.42
N CYS C 186 60.11 2.61 -40.62
CA CYS C 186 61.46 2.83 -40.12
C CYS C 186 61.51 3.85 -38.98
N SER C 187 62.51 3.70 -38.13
CA SER C 187 62.72 4.61 -37.01
C SER C 187 63.65 5.74 -37.43
N ALA C 188 63.79 6.75 -36.56
CA ALA C 188 64.64 7.90 -36.84
C ALA C 188 66.11 7.48 -36.95
N GLU C 189 66.50 6.51 -36.13
CA GLU C 189 67.86 5.98 -36.16
C GLU C 189 68.08 5.11 -37.39
N CYS C 190 67.08 4.29 -37.70
CA CYS C 190 67.16 3.40 -38.86
C CYS C 190 67.21 4.18 -40.17
N ARG C 191 66.58 5.34 -40.19
CA ARG C 191 66.55 6.17 -41.39
C ARG C 191 67.87 6.90 -41.62
N ARG C 192 68.69 6.99 -40.59
CA ARG C 192 69.98 7.66 -40.72
C ARG C 192 71.08 6.66 -41.09
N ILE C 193 70.88 5.42 -40.71
CA ILE C 193 71.85 4.40 -41.03
C ILE C 193 71.81 4.20 -42.53
N TYR C 194 70.63 3.94 -43.06
CA TYR C 194 70.47 3.70 -44.50
C TYR C 194 70.60 5.00 -45.30
N GLY C 195 70.67 6.12 -44.60
CA GLY C 195 70.79 7.41 -45.24
C GLY C 195 69.49 7.89 -45.85
N PHE C 196 68.38 7.36 -45.35
CA PHE C 196 67.06 7.72 -45.84
C PHE C 196 66.65 9.13 -45.42
N THR C 197 65.91 9.81 -46.28
CA THR C 197 65.32 11.09 -45.94
C THR C 197 64.01 10.86 -45.19
N PRO C 198 63.79 11.61 -44.10
CA PRO C 198 62.65 11.46 -43.19
C PRO C 198 61.29 11.30 -43.86
N ASP C 199 60.52 10.33 -43.39
CA ASP C 199 59.14 10.10 -43.82
C ASP C 199 58.98 9.76 -45.30
N GLU C 200 60.06 9.33 -45.94
CA GLU C 200 59.96 8.82 -47.30
C GLU C 200 59.59 7.34 -47.27
N PRO C 201 58.43 7.01 -47.88
CA PRO C 201 57.83 5.67 -47.87
C PRO C 201 58.84 4.54 -48.11
N VAL C 202 59.10 3.76 -47.07
CA VAL C 202 60.08 2.68 -47.16
C VAL C 202 59.44 1.35 -47.56
N HIS C 203 59.98 0.76 -48.62
CA HIS C 203 59.53 -0.55 -49.07
C HIS C 203 60.71 -1.52 -49.05
N PHE C 204 60.43 -2.81 -49.22
CA PHE C 204 61.48 -3.83 -49.18
C PHE C 204 62.46 -3.64 -50.34
N ASP C 205 61.97 -3.07 -51.43
CA ASP C 205 62.81 -2.84 -52.61
C ASP C 205 63.60 -1.54 -52.51
N THR C 206 63.10 -0.60 -51.71
CA THR C 206 63.76 0.70 -51.57
C THR C 206 65.06 0.57 -50.77
N ILE C 207 65.19 -0.55 -50.06
CA ILE C 207 66.40 -0.84 -49.30
C ILE C 207 67.37 -1.68 -50.15
N LEU C 208 66.80 -2.66 -50.86
CA LEU C 208 67.59 -3.57 -51.68
C LEU C 208 68.36 -2.86 -52.79
N ASP C 209 67.96 -1.63 -53.11
CA ASP C 209 68.63 -0.86 -54.14
C ASP C 209 69.98 -0.33 -53.69
N LEU C 210 70.24 -0.40 -52.39
CA LEU C 210 71.50 0.08 -51.84
C LEU C 210 72.39 -1.04 -51.32
N VAL C 211 71.87 -2.26 -51.37
CA VAL C 211 72.65 -3.43 -50.98
C VAL C 211 73.64 -3.78 -52.09
N VAL C 212 74.85 -4.19 -51.70
CA VAL C 212 75.84 -4.63 -52.67
C VAL C 212 75.33 -5.84 -53.43
N LEU C 213 75.72 -5.95 -54.69
CA LEU C 213 75.24 -7.03 -55.56
C LEU C 213 75.62 -8.41 -55.05
N GLU C 214 76.72 -8.47 -54.30
CA GLU C 214 77.23 -9.74 -53.78
C GLU C 214 76.32 -10.30 -52.69
N ASP C 215 75.68 -9.42 -51.93
CA ASP C 215 74.87 -9.84 -50.80
C ASP C 215 73.37 -9.66 -51.03
N ARG C 216 72.99 -9.28 -52.24
CA ARG C 216 71.58 -9.09 -52.57
C ARG C 216 70.80 -10.40 -52.56
N MET C 217 71.43 -11.47 -53.04
CA MET C 217 70.78 -12.77 -53.15
C MET C 217 70.64 -13.43 -51.77
N THR C 218 71.60 -13.19 -50.89
CA THR C 218 71.61 -13.78 -49.56
C THR C 218 70.47 -13.27 -48.69
N VAL C 219 70.13 -11.99 -48.86
CA VAL C 219 69.13 -11.35 -48.03
C VAL C 219 67.71 -11.88 -48.29
N VAL C 220 67.31 -11.90 -49.55
CA VAL C 220 65.93 -12.24 -49.91
C VAL C 220 65.55 -13.69 -49.60
N GLN C 221 66.54 -14.57 -49.56
CA GLN C 221 66.28 -15.99 -49.30
C GLN C 221 65.95 -16.23 -47.84
N LYS C 222 66.65 -15.55 -46.94
CA LYS C 222 66.43 -15.70 -45.51
C LYS C 222 65.13 -15.01 -45.07
N ALA C 223 64.64 -14.11 -45.93
CA ALA C 223 63.44 -13.34 -45.63
C ALA C 223 62.19 -14.23 -45.55
N HIS C 224 62.12 -15.22 -46.42
CA HIS C 224 60.95 -16.11 -46.46
C HIS C 224 61.04 -17.22 -45.42
N GLN C 225 62.21 -17.33 -44.78
CA GLN C 225 62.38 -18.29 -43.70
C GLN C 225 61.65 -17.81 -42.45
N ALA C 226 61.37 -16.51 -42.40
CA ALA C 226 60.71 -15.91 -41.25
C ALA C 226 59.20 -16.08 -41.31
N VAL C 227 58.75 -17.33 -41.44
CA VAL C 227 57.33 -17.64 -41.44
C VAL C 227 56.92 -18.10 -40.04
N THR C 228 57.90 -18.62 -39.29
CA THR C 228 57.66 -19.10 -37.93
C THR C 228 58.09 -18.06 -36.91
N GLY C 229 57.57 -18.18 -35.69
CA GLY C 229 57.87 -17.23 -34.63
C GLY C 229 59.15 -17.52 -33.88
N GLU C 230 60.25 -17.65 -34.64
CA GLU C 230 61.56 -17.89 -34.05
C GLU C 230 62.58 -16.88 -34.55
N PRO C 231 63.41 -16.34 -33.64
CA PRO C 231 64.39 -15.30 -33.97
C PRO C 231 65.54 -15.81 -34.85
N TYR C 232 66.13 -14.90 -35.63
CA TYR C 232 67.26 -15.23 -36.49
C TYR C 232 68.13 -14.01 -36.72
N SER C 233 69.31 -14.23 -37.32
CA SER C 233 70.25 -13.14 -37.54
C SER C 233 70.80 -13.14 -38.96
N ILE C 234 71.22 -11.98 -39.44
CA ILE C 234 71.76 -11.84 -40.79
C ILE C 234 72.70 -10.63 -40.91
N GLU C 235 73.68 -10.73 -41.78
CA GLU C 235 74.64 -9.66 -42.00
C GLU C 235 74.84 -9.38 -43.49
N TYR C 236 75.05 -8.11 -43.84
CA TYR C 236 75.35 -7.74 -45.22
C TYR C 236 75.98 -6.35 -45.32
N ARG C 237 76.12 -5.85 -46.55
CA ARG C 237 76.81 -4.59 -46.81
C ARG C 237 75.93 -3.61 -47.58
N ILE C 238 76.19 -2.33 -47.41
CA ILE C 238 75.35 -1.27 -47.97
C ILE C 238 76.15 -0.11 -48.56
N VAL C 239 75.78 0.31 -49.77
CA VAL C 239 76.32 1.52 -50.36
C VAL C 239 75.20 2.56 -50.54
N THR C 240 75.33 3.68 -49.84
CA THR C 240 74.29 4.71 -49.82
C THR C 240 74.25 5.53 -51.11
N ARG C 241 73.33 6.48 -51.16
CA ARG C 241 73.25 7.42 -52.27
C ARG C 241 74.54 8.25 -52.31
N LEU C 242 74.99 8.69 -51.14
CA LEU C 242 76.26 9.39 -51.03
C LEU C 242 77.39 8.36 -50.94
N GLY C 243 78.62 8.81 -51.04
CA GLY C 243 79.76 7.89 -51.01
C GLY C 243 80.08 7.40 -49.61
N GLU C 244 79.43 6.30 -49.22
CA GLU C 244 79.69 5.69 -47.91
C GLU C 244 79.26 4.22 -47.90
N THR C 245 79.99 3.40 -47.16
CA THR C 245 79.72 1.96 -47.10
C THR C 245 79.86 1.42 -45.69
N ARG C 246 78.87 0.64 -45.25
CA ARG C 246 78.92 0.04 -43.92
C ARG C 246 78.35 -1.37 -43.88
N TRP C 247 78.97 -2.22 -43.06
CA TRP C 247 78.52 -3.60 -42.86
C TRP C 247 77.42 -3.63 -41.81
N LEU C 248 76.40 -4.46 -41.98
CA LEU C 248 75.31 -4.51 -41.01
C LEU C 248 74.89 -5.85 -40.42
N GLU C 249 74.71 -5.87 -39.09
CA GLU C 249 74.25 -7.03 -38.36
C GLU C 249 72.81 -6.72 -38.01
N THR C 250 71.95 -7.74 -38.07
CA THR C 250 70.52 -7.60 -37.82
C THR C 250 69.91 -8.83 -37.15
N ARG C 251 69.19 -8.61 -36.06
CA ARG C 251 68.48 -9.68 -35.38
C ARG C 251 66.97 -9.50 -35.55
N ALA C 252 66.34 -10.45 -36.24
CA ALA C 252 64.92 -10.34 -36.55
C ALA C 252 64.09 -11.49 -35.97
N LYS C 253 62.77 -11.29 -35.94
CA LYS C 253 61.85 -12.29 -35.41
C LYS C 253 60.44 -12.03 -35.95
N ALA C 254 59.72 -13.11 -36.26
CA ALA C 254 58.37 -12.99 -36.80
C ALA C 254 57.30 -13.15 -35.72
N LEU C 255 56.19 -12.43 -35.89
CA LEU C 255 55.06 -12.53 -34.96
C LEU C 255 53.95 -13.39 -35.54
N THR C 256 53.82 -14.61 -35.03
CA THR C 256 52.81 -15.55 -35.51
C THR C 256 51.41 -15.11 -35.11
N GLY C 257 50.47 -15.23 -36.03
CA GLY C 257 49.09 -14.88 -35.77
C GLY C 257 48.25 -14.74 -37.03
N GLU C 258 47.30 -13.81 -36.99
CA GLU C 258 46.44 -13.54 -38.13
C GLU C 258 47.25 -13.13 -39.36
N ASN C 259 48.10 -12.14 -39.20
CA ASN C 259 48.99 -11.70 -40.26
C ASN C 259 50.45 -11.70 -39.80
N PRO C 260 51.30 -12.44 -40.50
CA PRO C 260 52.72 -12.55 -40.15
C PRO C 260 53.44 -11.21 -40.18
N LEU C 261 53.88 -10.74 -39.02
CA LEU C 261 54.60 -9.48 -38.92
C LEU C 261 56.01 -9.71 -38.39
N VAL C 262 57.01 -9.30 -39.16
CA VAL C 262 58.40 -9.49 -38.76
C VAL C 262 58.98 -8.22 -38.13
N LEU C 263 59.64 -8.39 -36.99
CA LEU C 263 60.30 -7.29 -36.30
C LEU C 263 61.82 -7.42 -36.49
N GLY C 264 62.51 -6.30 -36.58
CA GLY C 264 63.95 -6.32 -36.80
C GLY C 264 64.71 -5.14 -36.23
N ILE C 265 65.93 -5.39 -35.76
CA ILE C 265 66.78 -4.32 -35.27
C ILE C 265 68.12 -4.44 -35.96
N VAL C 266 68.66 -3.32 -36.40
CA VAL C 266 69.93 -3.33 -37.12
C VAL C 266 70.94 -2.24 -36.73
N GLN C 267 72.19 -2.60 -36.48
CA GLN C 267 73.19 -1.58 -36.14
C GLN C 267 74.42 -1.31 -37.04
N ASP C 268 75.54 -1.00 -36.41
CA ASP C 268 76.81 -0.60 -37.05
C ASP C 268 77.75 -1.67 -37.62
N VAL C 269 78.93 -1.22 -38.03
CA VAL C 269 79.90 -2.10 -38.65
C VAL C 269 80.23 -3.42 -37.94
N THR C 270 79.95 -3.55 -36.64
CA THR C 270 80.20 -4.75 -35.83
C THR C 270 81.54 -5.43 -36.15
N GLU C 271 82.39 -4.72 -36.88
CA GLU C 271 83.79 -5.11 -37.09
C GLU C 271 84.01 -6.57 -37.50
N ARG C 272 83.50 -6.94 -38.68
CA ARG C 272 83.79 -8.26 -39.24
C ARG C 272 84.38 -8.09 -40.63
N LYS C 273 85.57 -8.67 -40.84
CA LYS C 273 86.28 -8.52 -42.10
C LYS C 273 85.95 -9.63 -43.08
N HIS C 274 84.75 -9.56 -43.66
CA HIS C 274 84.30 -10.48 -44.69
C HIS C 274 84.36 -11.93 -44.22
N ALA D 19 -15.49 -7.06 -15.30
CA ALA D 19 -15.81 -8.17 -16.21
C ALA D 19 -14.99 -8.10 -17.49
N THR D 20 -13.80 -7.50 -17.39
CA THR D 20 -12.92 -7.37 -18.54
C THR D 20 -11.98 -8.56 -18.66
N ASP D 21 -11.75 -9.02 -19.89
CA ASP D 21 -10.85 -10.13 -20.15
C ASP D 21 -9.42 -9.76 -19.78
N PRO D 22 -8.84 -10.47 -18.80
CA PRO D 22 -7.48 -10.19 -18.32
C PRO D 22 -6.41 -10.43 -19.39
N PHE D 23 -6.66 -11.34 -20.32
CA PHE D 23 -5.72 -11.62 -21.39
C PHE D 23 -5.70 -10.49 -22.41
N ARG D 24 -6.89 -9.98 -22.73
CA ARG D 24 -7.03 -8.83 -23.62
C ARG D 24 -6.28 -7.63 -23.04
N ALA D 25 -6.39 -7.45 -21.73
CA ALA D 25 -5.72 -6.36 -21.04
C ALA D 25 -4.23 -6.64 -20.89
N ALA D 26 -3.85 -7.91 -20.91
CA ALA D 26 -2.46 -8.30 -20.81
C ALA D 26 -1.72 -7.97 -22.10
N VAL D 27 -2.39 -8.19 -23.23
CA VAL D 27 -1.82 -7.84 -24.53
C VAL D 27 -1.85 -6.33 -24.70
N GLU D 28 -2.82 -5.69 -24.06
CA GLU D 28 -2.96 -4.24 -24.16
C GLU D 28 -1.87 -3.49 -23.39
N PHE D 29 -1.43 -4.07 -22.28
CA PHE D 29 -0.52 -3.38 -21.38
C PHE D 29 0.93 -3.85 -21.50
N THR D 30 1.16 -4.90 -22.28
CA THR D 30 2.51 -5.45 -22.42
C THR D 30 3.44 -4.49 -23.16
N LEU D 31 4.73 -4.59 -22.88
CA LEU D 31 5.74 -3.77 -23.56
C LEU D 31 6.19 -4.44 -24.85
N MET D 32 5.70 -5.65 -25.09
CA MET D 32 6.02 -6.41 -26.29
C MET D 32 5.00 -6.13 -27.39
N PRO D 33 5.47 -5.57 -28.52
CA PRO D 33 4.64 -5.38 -29.72
C PRO D 33 3.99 -6.70 -30.15
N MET D 34 2.67 -6.70 -30.32
CA MET D 34 1.96 -7.90 -30.75
C MET D 34 0.96 -7.60 -31.86
N LEU D 35 0.85 -8.52 -32.81
CA LEU D 35 -0.09 -8.38 -33.92
C LEU D 35 -1.03 -9.58 -34.00
N ILE D 36 -2.23 -9.34 -34.50
CA ILE D 36 -3.17 -10.40 -34.82
C ILE D 36 -3.71 -10.20 -36.23
N THR D 37 -3.58 -11.21 -37.08
CA THR D 37 -4.06 -11.11 -38.45
C THR D 37 -5.15 -12.14 -38.73
N ASN D 38 -5.99 -11.84 -39.71
CA ASN D 38 -7.09 -12.74 -40.08
C ASN D 38 -6.91 -13.31 -41.49
N PRO D 39 -6.54 -14.59 -41.58
CA PRO D 39 -6.28 -15.25 -42.86
C PRO D 39 -7.55 -15.47 -43.70
N HIS D 40 -8.71 -15.41 -43.04
CA HIS D 40 -9.98 -15.62 -43.73
C HIS D 40 -10.31 -14.44 -44.64
N LEU D 41 -9.75 -13.27 -44.31
CA LEU D 41 -9.89 -12.08 -45.14
C LEU D 41 -8.84 -12.10 -46.25
N PRO D 42 -9.09 -11.35 -47.34
CA PRO D 42 -8.11 -11.32 -48.43
C PRO D 42 -6.75 -10.75 -48.01
N ASP D 43 -5.69 -11.45 -48.41
CA ASP D 43 -4.30 -11.01 -48.21
C ASP D 43 -3.87 -10.99 -46.73
N ASN D 44 -4.65 -11.65 -45.88
CA ASN D 44 -4.32 -11.79 -44.46
C ASN D 44 -3.95 -10.47 -43.78
N PRO D 45 -4.92 -9.56 -43.64
CA PRO D 45 -4.64 -8.23 -43.10
C PRO D 45 -4.57 -8.19 -41.57
N ILE D 46 -3.99 -7.12 -41.03
CA ILE D 46 -3.92 -6.92 -39.59
C ILE D 46 -5.27 -6.49 -39.05
N VAL D 47 -5.74 -7.17 -38.01
CA VAL D 47 -7.02 -6.83 -37.38
C VAL D 47 -6.82 -6.32 -35.96
N PHE D 48 -5.58 -6.31 -35.49
CA PHE D 48 -5.27 -5.81 -34.15
C PHE D 48 -3.79 -5.48 -33.98
N ALA D 49 -3.52 -4.43 -33.20
CA ALA D 49 -2.16 -4.06 -32.84
C ALA D 49 -2.14 -3.39 -31.46
N ASN D 50 -1.38 -3.95 -30.53
CA ASN D 50 -1.28 -3.36 -29.20
C ASN D 50 -0.44 -2.08 -29.22
N PRO D 51 -0.71 -1.15 -28.29
CA PRO D 51 -0.02 0.14 -28.22
C PRO D 51 1.50 0.06 -28.34
N ALA D 52 2.08 -1.05 -27.90
CA ALA D 52 3.53 -1.25 -28.00
C ALA D 52 3.98 -1.26 -29.45
N PHE D 53 3.21 -1.94 -30.30
CA PHE D 53 3.50 -1.99 -31.74
C PHE D 53 3.44 -0.60 -32.36
N LEU D 54 2.39 0.14 -32.04
CA LEU D 54 2.21 1.48 -32.58
C LEU D 54 3.32 2.40 -32.11
N LYS D 55 3.78 2.19 -30.88
CA LYS D 55 4.85 3.01 -30.32
C LYS D 55 6.19 2.67 -30.97
N LEU D 56 6.38 1.40 -31.30
CA LEU D 56 7.61 0.95 -31.94
C LEU D 56 7.72 1.46 -33.38
N THR D 57 6.71 1.14 -34.18
CA THR D 57 6.73 1.47 -35.60
C THR D 57 6.45 2.96 -35.85
N GLY D 58 5.67 3.57 -34.97
CA GLY D 58 5.37 4.98 -35.09
C GLY D 58 4.14 5.29 -35.93
N TYR D 59 3.34 4.26 -36.21
CA TYR D 59 2.12 4.43 -36.98
C TYR D 59 0.90 4.61 -36.09
N GLU D 60 -0.15 5.19 -36.64
CA GLU D 60 -1.43 5.28 -35.92
C GLU D 60 -2.20 3.98 -36.13
N ALA D 61 -3.29 3.82 -35.38
CA ALA D 61 -4.10 2.60 -35.47
C ALA D 61 -4.76 2.47 -36.83
N ASP D 62 -5.22 3.59 -37.38
CA ASP D 62 -5.90 3.58 -38.68
C ASP D 62 -4.92 3.42 -39.83
N GLU D 63 -3.62 3.56 -39.52
CA GLU D 63 -2.59 3.44 -40.54
C GLU D 63 -2.03 2.03 -40.63
N VAL D 64 -2.51 1.14 -39.76
CA VAL D 64 -1.99 -0.22 -39.69
C VAL D 64 -3.05 -1.27 -40.01
N MET D 65 -4.26 -1.06 -39.49
CA MET D 65 -5.36 -2.00 -39.68
C MET D 65 -5.67 -2.22 -41.16
N GLY D 66 -5.93 -3.47 -41.52
CA GLY D 66 -6.32 -3.80 -42.88
C GLY D 66 -5.16 -4.03 -43.83
N ARG D 67 -3.94 -3.74 -43.36
CA ARG D 67 -2.76 -3.94 -44.19
C ARG D 67 -2.09 -5.28 -43.90
N ASN D 68 -1.34 -5.78 -44.87
CA ASN D 68 -0.48 -6.94 -44.63
C ASN D 68 0.77 -6.45 -43.95
N CYS D 69 1.32 -7.26 -43.05
CA CYS D 69 2.45 -6.84 -42.23
C CYS D 69 3.73 -6.59 -43.03
N ARG D 70 3.70 -6.94 -44.32
CA ARG D 70 4.87 -6.77 -45.18
C ARG D 70 5.17 -5.31 -45.48
N PHE D 71 4.28 -4.41 -45.04
CA PHE D 71 4.46 -2.98 -45.29
C PHE D 71 5.61 -2.40 -44.46
N LEU D 72 6.10 -3.19 -43.51
CA LEU D 72 7.22 -2.78 -42.67
C LEU D 72 8.57 -3.06 -43.34
N GLN D 73 8.55 -3.77 -44.46
CA GLN D 73 9.76 -4.18 -45.14
C GLN D 73 10.28 -3.10 -46.07
N GLY D 74 11.60 -3.11 -46.32
CA GLY D 74 12.23 -2.11 -47.17
C GLY D 74 13.43 -2.63 -47.93
N HIS D 75 14.25 -1.71 -48.43
CA HIS D 75 15.38 -2.06 -49.28
C HIS D 75 16.38 -2.99 -48.62
N GLY D 76 16.56 -2.84 -47.31
CA GLY D 76 17.55 -3.61 -46.58
C GLY D 76 17.07 -4.99 -46.16
N THR D 77 15.80 -5.28 -46.43
CA THR D 77 15.22 -6.56 -46.08
C THR D 77 15.74 -7.67 -46.97
N ASP D 78 16.12 -8.79 -46.37
CA ASP D 78 16.61 -9.94 -47.10
C ASP D 78 15.44 -10.74 -47.67
N PRO D 79 15.40 -10.90 -49.00
CA PRO D 79 14.33 -11.63 -49.68
C PRO D 79 14.21 -13.08 -49.21
N ALA D 80 15.32 -13.64 -48.76
CA ALA D 80 15.35 -15.01 -48.25
C ALA D 80 14.49 -15.13 -47.00
N HIS D 81 14.61 -14.15 -46.11
CA HIS D 81 13.82 -14.10 -44.89
C HIS D 81 12.33 -13.99 -45.21
N VAL D 82 12.02 -13.20 -46.24
CA VAL D 82 10.63 -13.00 -46.64
C VAL D 82 10.04 -14.28 -47.23
N ARG D 83 10.84 -15.00 -48.01
CA ARG D 83 10.40 -16.26 -48.59
C ARG D 83 10.25 -17.33 -47.52
N ALA D 84 11.01 -17.20 -46.44
CA ALA D 84 10.93 -18.13 -45.33
C ALA D 84 9.60 -17.99 -44.59
N ILE D 85 9.14 -16.75 -44.47
CA ILE D 85 7.87 -16.48 -43.80
C ILE D 85 6.69 -16.95 -44.63
N LYS D 86 6.77 -16.72 -45.94
CA LYS D 86 5.71 -17.14 -46.86
C LYS D 86 5.43 -18.63 -46.76
N SER D 87 6.50 -19.42 -46.68
CA SER D 87 6.38 -20.88 -46.59
C SER D 87 5.70 -21.31 -45.29
N ALA D 88 6.11 -20.69 -44.18
CA ALA D 88 5.59 -21.06 -42.87
C ALA D 88 4.10 -20.72 -42.74
N ILE D 89 3.71 -19.55 -43.25
CA ILE D 89 2.32 -19.12 -43.21
C ILE D 89 1.44 -20.01 -44.09
N ALA D 90 1.98 -20.40 -45.24
CA ALA D 90 1.25 -21.28 -46.16
C ALA D 90 1.14 -22.68 -45.58
N ALA D 91 2.17 -23.11 -44.86
CA ALA D 91 2.18 -24.44 -44.24
C ALA D 91 1.50 -24.42 -42.88
N GLU D 92 1.09 -23.24 -42.45
CA GLU D 92 0.43 -23.04 -41.15
C GLU D 92 1.28 -23.59 -40.01
N LYS D 93 2.57 -23.27 -40.05
CA LYS D 93 3.51 -23.69 -39.02
C LYS D 93 4.14 -22.47 -38.36
N PRO D 94 4.51 -22.59 -37.08
CA PRO D 94 5.17 -21.47 -36.38
C PRO D 94 6.57 -21.21 -36.90
N ILE D 95 7.01 -19.97 -36.86
CA ILE D 95 8.35 -19.63 -37.33
C ILE D 95 9.00 -18.53 -36.50
N ASP D 96 10.26 -18.73 -36.16
CA ASP D 96 11.05 -17.72 -35.47
C ASP D 96 12.18 -17.27 -36.39
N ILE D 97 12.24 -15.96 -36.66
CA ILE D 97 13.24 -15.43 -37.58
C ILE D 97 13.52 -13.95 -37.30
N ASP D 98 14.75 -13.53 -37.55
CA ASP D 98 15.11 -12.13 -37.46
C ASP D 98 15.06 -11.50 -38.84
N ILE D 99 14.50 -10.29 -38.92
CA ILE D 99 14.31 -9.63 -40.21
C ILE D 99 14.41 -8.11 -40.05
N ILE D 100 14.90 -7.44 -41.09
CA ILE D 100 15.05 -5.99 -41.06
C ILE D 100 13.76 -5.29 -41.47
N ASN D 101 13.20 -4.52 -40.54
CA ASN D 101 12.01 -3.73 -40.83
C ASN D 101 12.29 -2.24 -40.73
N TYR D 102 11.27 -1.43 -41.00
CA TYR D 102 11.42 0.02 -41.01
C TYR D 102 10.26 0.72 -40.32
N LYS D 103 10.60 1.67 -39.45
CA LYS D 103 9.61 2.50 -38.78
C LYS D 103 8.96 3.44 -39.79
N LYS D 104 7.94 4.19 -39.34
CA LYS D 104 7.27 5.14 -40.20
C LYS D 104 8.21 6.26 -40.63
N SER D 105 9.15 6.59 -39.75
CA SER D 105 10.13 7.65 -40.02
C SER D 105 11.10 7.25 -41.12
N GLY D 106 11.49 5.97 -41.12
CA GLY D 106 12.45 5.48 -42.08
C GLY D 106 13.63 4.80 -41.40
N GLU D 107 13.71 4.98 -40.09
CA GLU D 107 14.75 4.37 -39.29
C GLU D 107 14.64 2.85 -39.33
N ALA D 108 15.69 2.18 -39.79
CA ALA D 108 15.72 0.73 -39.83
C ALA D 108 15.88 0.18 -38.42
N PHE D 109 15.36 -1.03 -38.21
CA PHE D 109 15.55 -1.72 -36.94
C PHE D 109 15.43 -3.21 -37.15
N TRP D 110 16.11 -3.98 -36.29
CA TRP D 110 16.03 -5.45 -36.38
C TRP D 110 14.82 -5.96 -35.63
N ASN D 111 13.99 -6.71 -36.34
CA ASN D 111 12.76 -7.25 -35.79
C ASN D 111 12.91 -8.73 -35.46
N ARG D 112 12.91 -9.06 -34.17
CA ARG D 112 12.88 -10.46 -33.77
C ARG D 112 11.43 -10.92 -33.83
N LEU D 113 11.14 -11.79 -34.80
CA LEU D 113 9.76 -12.12 -35.12
C LEU D 113 9.38 -13.55 -34.76
N HIS D 114 8.32 -13.69 -33.96
CA HIS D 114 7.77 -15.00 -33.61
C HIS D 114 6.30 -15.06 -34.01
N ILE D 115 6.00 -15.80 -35.08
CA ILE D 115 4.63 -15.92 -35.56
C ILE D 115 4.05 -17.30 -35.26
N SER D 116 2.87 -17.33 -34.66
CA SER D 116 2.20 -18.60 -34.33
C SER D 116 0.79 -18.64 -34.92
N PRO D 117 0.45 -19.75 -35.57
CA PRO D 117 -0.89 -19.95 -36.12
C PRO D 117 -1.88 -20.37 -35.04
N VAL D 118 -3.13 -19.91 -35.15
CA VAL D 118 -4.16 -20.27 -34.19
C VAL D 118 -5.20 -21.17 -34.84
N HIS D 119 -5.29 -22.41 -34.35
CA HIS D 119 -6.22 -23.38 -34.91
C HIS D 119 -7.47 -23.54 -34.06
N ASN D 120 -8.58 -23.85 -34.73
CA ASN D 120 -9.86 -24.06 -34.05
C ASN D 120 -9.89 -25.43 -33.36
N ALA D 121 -11.03 -25.76 -32.77
CA ALA D 121 -11.21 -27.07 -32.14
C ALA D 121 -11.25 -28.16 -33.20
N ASN D 122 -11.81 -27.84 -34.36
CA ASN D 122 -11.88 -28.79 -35.47
C ASN D 122 -10.55 -28.92 -36.20
N GLY D 123 -9.63 -28.01 -35.90
CA GLY D 123 -8.36 -27.96 -36.60
C GLY D 123 -8.39 -26.89 -37.67
N ARG D 124 -9.47 -26.14 -37.70
CA ARG D 124 -9.67 -25.07 -38.68
C ARG D 124 -8.78 -23.88 -38.36
N LEU D 125 -8.14 -23.32 -39.38
CA LEU D 125 -7.28 -22.16 -39.18
C LEU D 125 -8.11 -20.94 -38.82
N GLN D 126 -7.74 -20.30 -37.71
CA GLN D 126 -8.53 -19.19 -37.18
C GLN D 126 -7.78 -17.86 -37.26
N HIS D 127 -6.57 -17.83 -36.73
CA HIS D 127 -5.80 -16.59 -36.69
C HIS D 127 -4.29 -16.80 -36.77
N PHE D 128 -3.57 -15.70 -36.94
CA PHE D 128 -2.12 -15.67 -36.78
C PHE D 128 -1.78 -14.62 -35.73
N VAL D 129 -1.08 -15.04 -34.68
CA VAL D 129 -0.63 -14.11 -33.64
C VAL D 129 0.89 -14.03 -33.67
N SER D 130 1.42 -12.86 -33.34
CA SER D 130 2.87 -12.65 -33.44
C SER D 130 3.44 -11.81 -32.29
N SER D 131 4.76 -11.83 -32.17
CA SER D 131 5.46 -11.05 -31.15
C SER D 131 6.68 -10.37 -31.73
N GLN D 132 6.53 -9.10 -32.08
CA GLN D 132 7.65 -8.31 -32.59
C GLN D 132 8.51 -7.79 -31.46
N LEU D 133 9.82 -8.02 -31.57
CA LEU D 133 10.76 -7.54 -30.57
C LEU D 133 11.96 -6.87 -31.23
N ASP D 134 12.21 -5.62 -30.86
CA ASP D 134 13.30 -4.84 -31.45
C ASP D 134 14.65 -5.24 -30.86
N VAL D 135 15.38 -6.06 -31.59
CA VAL D 135 16.70 -6.51 -31.16
C VAL D 135 17.80 -5.80 -31.94
N THR D 136 17.59 -4.51 -32.18
CA THR D 136 18.56 -3.71 -32.93
C THR D 136 19.86 -3.53 -32.15
N LEU D 137 19.74 -3.23 -30.86
CA LEU D 137 20.90 -2.98 -30.02
C LEU D 137 21.75 -4.24 -29.83
N GLU D 138 21.14 -5.40 -30.06
CA GLU D 138 21.85 -6.66 -29.93
C GLU D 138 22.58 -7.05 -31.22
N LEU D 139 21.88 -6.94 -32.35
CA LEU D 139 22.42 -7.41 -33.63
C LEU D 139 23.22 -6.35 -34.37
N SER D 140 23.32 -5.16 -33.78
CA SER D 140 24.09 -4.07 -34.40
C SER D 140 25.18 -3.53 -33.48
N ARG D 141 24.78 -3.13 -32.27
CA ARG D 141 25.73 -2.54 -31.33
C ARG D 141 26.70 -3.57 -30.78
N LEU D 142 26.18 -4.69 -30.28
CA LEU D 142 27.03 -5.71 -29.68
C LEU D 142 28.02 -6.28 -30.70
N VAL D 143 27.55 -6.51 -31.92
CA VAL D 143 28.38 -7.12 -32.95
C VAL D 143 29.43 -6.14 -33.48
N GLU D 144 29.23 -4.86 -33.23
CA GLU D 144 30.20 -3.85 -33.65
C GLU D 144 31.18 -3.55 -32.51
N LEU D 145 30.78 -3.89 -31.28
CA LEU D 145 31.64 -3.72 -30.12
C LEU D 145 32.59 -4.89 -29.99
N GLU D 146 32.19 -6.04 -30.54
CA GLU D 146 33.04 -7.22 -30.52
C GLU D 146 34.18 -7.06 -31.52
N LYS D 147 33.86 -6.60 -32.72
CA LYS D 147 34.86 -6.40 -33.76
C LYS D 147 35.71 -5.16 -33.50
N GLU D 148 35.30 -4.37 -32.52
CA GLU D 148 36.07 -3.20 -32.11
C GLU D 148 36.98 -3.55 -30.94
N ARG D 149 36.48 -4.40 -30.05
CA ARG D 149 37.25 -4.86 -28.90
C ARG D 149 38.29 -5.90 -29.32
N LYS D 150 37.91 -6.74 -30.27
CA LYS D 150 38.83 -7.73 -30.83
C LYS D 150 39.93 -7.03 -31.62
N THR D 151 39.59 -5.88 -32.19
CA THR D 151 40.56 -5.08 -32.95
C THR D 151 41.64 -4.52 -32.03
N LEU D 152 41.22 -3.89 -30.95
CA LEU D 152 42.15 -3.27 -30.00
C LEU D 152 42.94 -4.31 -29.22
N SER D 153 42.33 -5.47 -28.99
CA SER D 153 42.95 -6.53 -28.21
C SER D 153 44.24 -7.02 -28.85
N ILE D 154 44.20 -7.26 -30.16
CA ILE D 154 45.39 -7.67 -30.90
C ILE D 154 46.33 -6.47 -31.08
N GLU D 155 45.74 -5.30 -31.31
CA GLU D 155 46.50 -4.09 -31.52
C GLU D 155 47.39 -3.73 -30.34
N THR D 156 46.86 -3.87 -29.13
CA THR D 156 47.64 -3.58 -27.92
C THR D 156 48.59 -4.73 -27.62
N ALA D 157 48.23 -5.93 -28.08
CA ALA D 157 49.09 -7.09 -27.92
C ALA D 157 50.17 -7.07 -29.00
N ARG D 158 49.98 -6.21 -29.99
CA ARG D 158 50.94 -6.06 -31.07
C ARG D 158 52.01 -5.03 -30.70
N SER D 159 51.58 -3.96 -30.03
CA SER D 159 52.52 -2.94 -29.59
C SER D 159 53.28 -3.38 -28.34
N LYS D 160 52.70 -4.34 -27.61
CA LYS D 160 53.35 -4.87 -26.42
C LYS D 160 54.38 -5.93 -26.79
N ASP D 161 54.07 -6.71 -27.83
CA ASP D 161 55.00 -7.71 -28.33
C ASP D 161 56.25 -7.04 -28.87
N GLN D 162 56.07 -5.91 -29.55
CA GLN D 162 57.20 -5.15 -30.06
C GLN D 162 58.01 -4.55 -28.91
N LEU D 163 57.32 -4.18 -27.85
CA LEU D 163 57.96 -3.61 -26.67
C LEU D 163 58.83 -4.63 -25.96
N ASP D 164 58.26 -5.79 -25.65
CA ASP D 164 58.96 -6.85 -24.93
C ASP D 164 60.10 -7.44 -25.75
N TYR D 165 60.01 -7.32 -27.07
CA TYR D 165 61.05 -7.84 -27.95
C TYR D 165 62.28 -6.93 -27.94
N ILE D 166 62.05 -5.63 -27.99
CA ILE D 166 63.14 -4.67 -28.05
C ILE D 166 63.97 -4.65 -26.76
N VAL D 167 63.29 -4.60 -25.62
CA VAL D 167 63.99 -4.56 -24.34
C VAL D 167 64.74 -5.86 -24.07
N GLU D 168 64.30 -6.94 -24.72
CA GLU D 168 64.94 -8.24 -24.59
C GLU D 168 66.16 -8.34 -25.51
N VAL D 169 66.03 -7.81 -26.71
CA VAL D 169 67.08 -7.90 -27.72
C VAL D 169 68.12 -6.79 -27.57
N ALA D 170 67.65 -5.55 -27.44
CA ALA D 170 68.55 -4.41 -27.35
C ALA D 170 69.17 -4.27 -25.97
N ASN D 171 68.71 -5.10 -25.03
CA ASN D 171 69.22 -5.11 -23.66
C ASN D 171 69.17 -3.74 -22.99
N ILE D 172 67.99 -3.12 -23.01
CA ILE D 172 67.82 -1.80 -22.40
C ILE D 172 67.11 -1.92 -21.05
N GLY D 173 67.66 -1.25 -20.05
CA GLY D 173 67.06 -1.21 -18.73
C GLY D 173 65.85 -0.30 -18.71
N PHE D 174 64.68 -0.90 -18.87
CA PHE D 174 63.44 -0.12 -18.96
C PHE D 174 62.57 -0.35 -17.73
N TRP D 175 62.17 0.74 -17.10
CA TRP D 175 61.25 0.68 -15.98
C TRP D 175 60.08 1.64 -16.19
N THR D 176 58.92 1.28 -15.66
CA THR D 176 57.76 2.17 -15.67
C THR D 176 57.35 2.43 -14.23
N ARG D 177 56.62 3.52 -14.00
CA ARG D 177 56.20 3.87 -12.64
C ARG D 177 54.97 4.75 -12.63
N GLU D 178 53.91 4.26 -11.97
CA GLU D 178 52.74 5.09 -11.71
C GLU D 178 53.13 6.18 -10.72
N PHE D 179 53.06 7.43 -11.16
CA PHE D 179 53.59 8.56 -10.39
C PHE D 179 53.08 8.64 -8.95
N TYR D 180 51.83 8.25 -8.73
CA TYR D 180 51.22 8.37 -7.42
C TYR D 180 51.48 7.15 -6.54
N SER D 181 51.14 5.97 -7.05
CA SER D 181 51.29 4.74 -6.27
C SER D 181 52.75 4.44 -5.96
N GLY D 182 53.60 4.55 -6.98
CA GLY D 182 55.02 4.26 -6.81
C GLY D 182 55.35 2.84 -7.25
N LYS D 183 54.32 2.10 -7.64
CA LYS D 183 54.51 0.73 -8.12
C LYS D 183 55.20 0.73 -9.47
N MET D 184 56.16 -0.18 -9.64
CA MET D 184 56.99 -0.19 -10.83
C MET D 184 57.09 -1.56 -11.49
N THR D 185 57.39 -1.55 -12.78
CA THR D 185 57.82 -2.76 -13.48
C THR D 185 59.27 -2.55 -13.90
N CYS D 186 60.06 -3.61 -13.89
CA CYS D 186 61.47 -3.49 -14.25
C CYS D 186 61.89 -4.61 -15.19
N SER D 187 62.58 -4.25 -16.26
CA SER D 187 63.09 -5.22 -17.22
C SER D 187 64.16 -6.09 -16.58
N ALA D 188 64.53 -7.17 -17.27
CA ALA D 188 65.55 -8.09 -16.77
C ALA D 188 66.88 -7.36 -16.57
N GLU D 189 67.18 -6.45 -17.48
CA GLU D 189 68.38 -5.63 -17.37
C GLU D 189 68.27 -4.65 -16.22
N CYS D 190 67.12 -3.98 -16.11
CA CYS D 190 66.88 -3.02 -15.05
C CYS D 190 67.04 -3.69 -13.68
N ARG D 191 66.50 -4.89 -13.54
CA ARG D 191 66.65 -5.66 -12.31
C ARG D 191 68.11 -6.09 -12.10
N ARG D 192 68.83 -6.30 -13.19
CA ARG D 192 70.23 -6.70 -13.12
C ARG D 192 71.10 -5.56 -12.64
N ILE D 193 70.81 -4.35 -13.11
CA ILE D 193 71.58 -3.16 -12.76
C ILE D 193 71.54 -2.90 -11.26
N TYR D 194 70.34 -2.97 -10.68
CA TYR D 194 70.20 -2.93 -9.24
C TYR D 194 70.44 -4.34 -8.68
N GLY D 195 70.33 -4.49 -7.36
CA GLY D 195 70.52 -5.80 -6.75
C GLY D 195 69.25 -6.65 -6.80
N PHE D 196 68.34 -6.29 -7.69
CA PHE D 196 67.02 -6.91 -7.74
C PHE D 196 67.04 -8.30 -8.38
N THR D 197 66.20 -9.19 -7.86
CA THR D 197 66.00 -10.50 -8.44
C THR D 197 64.78 -10.47 -9.36
N PRO D 198 64.72 -11.38 -10.34
CA PRO D 198 63.53 -11.48 -11.19
C PRO D 198 62.27 -11.80 -10.39
N ASP D 199 61.13 -11.29 -10.85
CA ASP D 199 59.83 -11.54 -10.22
C ASP D 199 59.76 -11.00 -8.79
N GLU D 200 60.56 -9.97 -8.51
CA GLU D 200 60.52 -9.30 -7.21
C GLU D 200 59.71 -8.02 -7.30
N PRO D 201 58.79 -7.80 -6.35
CA PRO D 201 57.98 -6.58 -6.34
C PRO D 201 58.83 -5.33 -6.15
N VAL D 202 58.87 -4.46 -7.17
CA VAL D 202 59.70 -3.28 -7.13
C VAL D 202 58.88 -2.00 -7.01
N HIS D 203 59.08 -1.27 -5.92
CA HIS D 203 58.49 0.05 -5.76
C HIS D 203 59.59 1.09 -5.82
N PHE D 204 59.21 2.36 -5.87
CA PHE D 204 60.18 3.44 -5.91
C PHE D 204 61.00 3.46 -4.63
N ASP D 205 60.41 2.99 -3.54
CA ASP D 205 61.11 2.88 -2.26
C ASP D 205 62.17 1.79 -2.31
N THR D 206 61.95 0.77 -3.14
CA THR D 206 62.88 -0.34 -3.24
C THR D 206 64.17 0.12 -3.92
N ILE D 207 64.04 1.03 -4.88
CA ILE D 207 65.19 1.59 -5.58
C ILE D 207 65.91 2.60 -4.69
N LEU D 208 65.14 3.44 -4.01
CA LEU D 208 65.68 4.48 -3.15
C LEU D 208 66.53 3.94 -2.00
N ASP D 209 66.21 2.73 -1.54
CA ASP D 209 66.94 2.12 -0.44
C ASP D 209 68.34 1.69 -0.86
N LEU D 210 68.58 1.66 -2.16
CA LEU D 210 69.90 1.35 -2.69
C LEU D 210 70.68 2.62 -2.98
N VAL D 211 69.96 3.70 -3.27
CA VAL D 211 70.57 5.00 -3.56
C VAL D 211 71.35 5.50 -2.35
N VAL D 212 72.59 5.94 -2.59
CA VAL D 212 73.42 6.48 -1.51
C VAL D 212 72.73 7.70 -0.89
N LEU D 213 72.95 7.89 0.41
CA LEU D 213 72.25 8.93 1.16
C LEU D 213 72.54 10.33 0.62
N GLU D 214 73.74 10.52 0.11
CA GLU D 214 74.17 11.80 -0.42
C GLU D 214 73.32 12.21 -1.64
N ASP D 215 72.77 11.23 -2.33
CA ASP D 215 72.03 11.48 -3.57
C ASP D 215 70.53 11.31 -3.42
N ARG D 216 70.09 10.58 -2.39
CA ARG D 216 68.68 10.26 -2.19
C ARG D 216 67.76 11.48 -2.25
N MET D 217 68.08 12.49 -1.45
CA MET D 217 67.26 13.69 -1.35
C MET D 217 67.21 14.44 -2.68
N THR D 218 68.25 14.28 -3.48
CA THR D 218 68.32 14.93 -4.79
C THR D 218 67.51 14.16 -5.82
N VAL D 219 67.44 12.83 -5.65
CA VAL D 219 66.70 11.98 -6.56
C VAL D 219 65.19 12.13 -6.40
N VAL D 220 64.74 12.19 -5.15
CA VAL D 220 63.31 12.28 -4.86
C VAL D 220 62.70 13.61 -5.31
N GLN D 221 63.51 14.66 -5.33
CA GLN D 221 63.03 15.97 -5.76
C GLN D 221 62.71 15.98 -7.25
N LYS D 222 63.64 15.45 -8.05
CA LYS D 222 63.46 15.41 -9.50
C LYS D 222 62.31 14.50 -9.90
N ALA D 223 62.05 13.49 -9.08
CA ALA D 223 60.95 12.56 -9.33
C ALA D 223 59.60 13.21 -9.05
N HIS D 224 59.62 14.29 -8.26
CA HIS D 224 58.40 14.99 -7.91
C HIS D 224 57.94 15.96 -9.00
N GLN D 225 58.91 16.53 -9.71
CA GLN D 225 58.61 17.48 -10.79
C GLN D 225 58.19 16.76 -12.06
N ALA D 226 58.03 15.44 -11.96
CA ALA D 226 57.71 14.60 -13.11
C ALA D 226 56.25 14.72 -13.54
N VAL D 227 55.48 15.46 -12.77
CA VAL D 227 54.09 15.63 -13.07
C VAL D 227 54.00 16.32 -14.40
N THR D 228 54.72 17.42 -14.56
CA THR D 228 54.71 18.10 -15.82
C THR D 228 55.41 17.12 -16.72
N GLY D 229 54.86 16.86 -17.89
CA GLY D 229 55.48 15.87 -18.75
C GLY D 229 56.64 16.33 -19.60
N GLU D 230 57.76 16.62 -18.97
CA GLU D 230 58.95 17.03 -19.69
C GLU D 230 60.01 16.00 -19.41
N PRO D 231 60.92 15.79 -20.34
CA PRO D 231 61.95 14.82 -20.11
C PRO D 231 62.96 15.44 -19.20
N TYR D 232 63.62 14.60 -18.43
CA TYR D 232 64.63 15.04 -17.47
C TYR D 232 65.69 13.96 -17.26
N SER D 233 66.92 14.39 -17.03
CA SER D 233 68.02 13.47 -16.75
C SER D 233 68.38 13.50 -15.27
N ILE D 234 68.84 12.38 -14.75
CA ILE D 234 69.26 12.29 -13.35
C ILE D 234 70.37 11.27 -13.19
N GLU D 235 71.39 11.63 -12.40
CA GLU D 235 72.49 10.73 -12.15
C GLU D 235 72.72 10.56 -10.65
N TYR D 236 72.83 9.32 -10.20
CA TYR D 236 73.06 9.04 -8.80
C TYR D 236 73.81 7.73 -8.59
N ARG D 237 74.37 7.56 -7.40
CA ARG D 237 75.13 6.37 -7.06
C ARG D 237 74.32 5.45 -6.16
N ILE D 238 74.49 4.15 -6.34
CA ILE D 238 73.81 3.18 -5.50
C ILE D 238 74.78 2.19 -4.88
N VAL D 239 74.31 1.46 -3.88
CA VAL D 239 75.07 0.35 -3.31
C VAL D 239 74.19 -0.89 -3.31
N THR D 240 74.58 -1.90 -4.08
CA THR D 240 73.80 -3.12 -4.19
C THR D 240 73.73 -3.84 -2.85
N ARG D 241 72.79 -4.78 -2.73
CA ARG D 241 72.62 -5.53 -1.50
C ARG D 241 73.85 -6.40 -1.21
N LEU D 242 74.68 -6.63 -2.23
CA LEU D 242 75.92 -7.38 -2.05
C LEU D 242 77.09 -6.45 -1.74
N GLY D 243 76.83 -5.14 -1.78
CA GLY D 243 77.83 -4.16 -1.40
C GLY D 243 78.69 -3.69 -2.55
N GLU D 244 78.07 -3.50 -3.71
CA GLU D 244 78.78 -3.05 -4.89
C GLU D 244 78.31 -1.65 -5.28
N THR D 245 79.24 -0.69 -5.32
CA THR D 245 78.89 0.68 -5.66
C THR D 245 78.79 0.88 -7.17
N ARG D 246 77.68 1.46 -7.61
CA ARG D 246 77.44 1.63 -9.04
C ARG D 246 76.97 3.05 -9.38
N TRP D 247 77.57 3.63 -10.40
CA TRP D 247 77.18 4.94 -10.89
C TRP D 247 76.15 4.78 -12.01
N LEU D 248 75.00 5.43 -11.86
CA LEU D 248 73.89 5.23 -12.79
C LEU D 248 73.47 6.52 -13.48
N GLU D 249 72.87 6.37 -14.67
CA GLU D 249 72.27 7.48 -15.39
C GLU D 249 70.88 7.09 -15.87
N THR D 250 69.92 8.00 -15.71
CA THR D 250 68.54 7.73 -16.10
C THR D 250 67.93 8.87 -16.89
N ARG D 251 67.31 8.53 -18.02
CA ARG D 251 66.58 9.51 -18.82
C ARG D 251 65.10 9.15 -18.85
N ALA D 252 64.29 9.94 -18.16
CA ALA D 252 62.88 9.60 -17.95
C ALA D 252 61.91 10.68 -18.40
N LYS D 253 60.66 10.26 -18.58
CA LYS D 253 59.58 11.13 -18.99
C LYS D 253 58.26 10.54 -18.56
N ALA D 254 57.33 11.37 -18.14
CA ALA D 254 56.04 10.89 -17.70
C ALA D 254 54.97 11.24 -18.69
N LEU D 255 54.05 10.32 -18.88
CA LEU D 255 52.95 10.50 -19.82
C LEU D 255 51.78 11.21 -19.14
N THR D 256 51.18 12.16 -19.83
CA THR D 256 50.10 12.95 -19.26
C THR D 256 48.85 12.23 -18.83
N GLY D 257 48.02 12.98 -18.15
CA GLY D 257 46.81 12.37 -17.61
C GLY D 257 46.69 12.72 -16.15
N GLU D 258 45.56 12.38 -15.54
CA GLU D 258 45.37 12.68 -14.13
C GLU D 258 46.04 11.61 -13.26
N ASN D 259 46.35 10.49 -13.88
CA ASN D 259 47.15 9.44 -13.24
C ASN D 259 48.37 9.10 -14.08
N PRO D 260 49.35 10.02 -14.14
CA PRO D 260 50.49 9.94 -15.05
C PRO D 260 51.33 8.68 -14.86
N LEU D 261 51.86 8.17 -15.97
CA LEU D 261 52.79 7.04 -15.93
C LEU D 261 54.17 7.49 -16.36
N VAL D 262 55.18 7.19 -15.54
CA VAL D 262 56.54 7.62 -15.84
C VAL D 262 57.35 6.52 -16.51
N LEU D 263 57.90 6.83 -17.67
CA LEU D 263 58.74 5.88 -18.40
C LEU D 263 60.21 6.23 -18.20
N GLY D 264 61.06 5.22 -18.05
CA GLY D 264 62.47 5.47 -17.78
C GLY D 264 63.45 4.45 -18.35
N ILE D 265 64.62 4.95 -18.72
CA ILE D 265 65.72 4.09 -19.19
C ILE D 265 66.94 4.30 -18.31
N VAL D 266 67.36 3.24 -17.61
CA VAL D 266 68.47 3.33 -16.68
C VAL D 266 69.73 2.67 -17.25
N GLN D 267 70.85 3.38 -17.17
CA GLN D 267 72.13 2.84 -17.62
C GLN D 267 73.15 2.80 -16.49
N ASP D 268 74.01 1.79 -16.53
CA ASP D 268 75.15 1.71 -15.62
C ASP D 268 76.36 2.37 -16.29
N VAL D 269 76.89 3.41 -15.67
CA VAL D 269 77.99 4.16 -16.28
C VAL D 269 79.27 4.10 -15.45
N THR D 270 79.37 3.09 -14.59
CA THR D 270 80.50 2.94 -13.70
C THR D 270 81.83 2.82 -14.45
N GLU D 271 81.83 2.01 -15.51
CA GLU D 271 83.06 1.74 -16.25
C GLU D 271 83.31 2.74 -17.38
N ARG D 272 82.90 3.99 -17.17
CA ARG D 272 83.21 5.07 -18.10
C ARG D 272 84.28 5.96 -17.48
N LYS D 273 84.42 5.85 -16.16
CA LYS D 273 85.35 6.65 -15.39
C LYS D 273 86.11 5.75 -14.41
N HIS D 274 87.23 6.25 -13.89
CA HIS D 274 87.91 5.55 -12.80
C HIS D 274 87.33 5.98 -11.46
N HIS D 275 87.32 5.07 -10.50
CA HIS D 275 86.73 5.36 -9.19
C HIS D 275 87.56 4.79 -8.04
N HIS D 276 87.94 5.66 -7.11
CA HIS D 276 88.65 5.22 -5.90
C HIS D 276 88.50 6.26 -4.79
N HIS D 277 88.35 5.78 -3.56
CA HIS D 277 88.25 6.66 -2.39
C HIS D 277 89.10 6.13 -1.24
#